data_4HII
#
_entry.id   4HII
#
_cell.length_a   144.400
_cell.length_b   66.900
_cell.length_c   119.100
_cell.angle_alpha   90.00
_cell.angle_beta   111.90
_cell.angle_gamma   90.00
#
_symmetry.space_group_name_H-M   'C 1 2 1'
#
loop_
_entity.id
_entity.type
_entity.pdbx_description
1 polymer 'Fab 023.102 light chain'
2 polymer 'Fab 023.102 heavy chain'
3 branched alpha-L-rhamnopyranose-(1-2)-beta-D-galactopyranose
4 water water
#
loop_
_entity_poly.entity_id
_entity_poly.type
_entity_poly.pdbx_seq_one_letter_code
_entity_poly.pdbx_strand_id
1 'polypeptide(L)'
;AGQLTQSPATLSLSPGERATLSCRASQSVTNYLAWYQQKPGQAPRLLIYGASNRATGIPARFSGSGSGTDFTLTISSLEP
EDFAVYYCQQRDNWPPDATFGQGTKVEIKRTVAAPSVFIFPPSDEQLKSGTASVVCLLNNFYPREAKVQWKVDNALQSGN
SQESVTEQDSKDSTYSLSSTLTLSKADYEKHKVYACEVTHQGLRSPVTKSFNRGECAAA
;
A,C
2 'polypeptide(L)'
;LINLVESGGGVVQPGRSLRLSCAASGFTFSRYGMHWVRQAPGKGLEWVAVVSSDGRTTYYADSVKGRFTISRDNSKNTLY
LQMNSLRAEDTAVFYCAKEGGDNKFSFDYWGQGTLVTVSSASTKGPSVFPLAPCSRSTSESTAALGCLVKDYFPEPVTVS
WNSGALTSGVHTFPAVLQSSGLYSLSSVVTVPSSNFGTQTYTCNVDHKPSNTKVDKTVERKCWARHHHHHH
;
B,D
#
# COMPACT_ATOMS: atom_id res chain seq x y z
N GLY A 2 -22.10 13.15 21.36
CA GLY A 2 -21.44 11.99 22.02
C GLY A 2 -22.28 10.74 21.92
N GLN A 3 -23.58 10.89 22.18
CA GLN A 3 -24.51 9.78 22.12
C GLN A 3 -25.82 10.22 21.47
N LEU A 4 -26.24 9.48 20.46
CA LEU A 4 -27.48 9.75 19.75
C LEU A 4 -28.26 8.45 19.81
N THR A 5 -29.50 8.51 20.29
CA THR A 5 -30.33 7.33 20.41
C THR A 5 -31.62 7.47 19.60
N GLN A 6 -31.84 6.53 18.67
CA GLN A 6 -33.03 6.56 17.83
C GLN A 6 -34.10 5.59 18.31
N SER A 7 -35.35 5.92 18.00
CA SER A 7 -36.48 5.09 18.38
C SER A 7 -37.71 5.37 17.53
N PRO A 8 -38.50 4.32 17.22
CA PRO A 8 -38.17 2.97 17.67
C PRO A 8 -37.12 2.33 16.76
N ALA A 9 -36.74 1.09 17.04
CA ALA A 9 -35.74 0.40 16.23
C ALA A 9 -36.32 -0.05 14.89
N THR A 10 -37.61 -0.35 14.90
CA THR A 10 -38.30 -0.77 13.70
C THR A 10 -39.69 -0.16 13.68
N LEU A 11 -40.15 0.19 12.49
CA LEU A 11 -41.44 0.82 12.31
C LEU A 11 -42.16 0.06 11.20
N SER A 12 -43.25 -0.62 11.54
CA SER A 12 -44.01 -1.39 10.56
C SER A 12 -45.27 -0.64 10.13
N LEU A 13 -45.20 -0.04 8.94
CA LEU A 13 -46.33 0.71 8.40
C LEU A 13 -46.66 0.25 6.98
N SER A 14 -47.81 0.73 6.48
CA SER A 14 -48.27 0.43 5.13
C SER A 14 -48.08 1.68 4.30
N PRO A 15 -48.14 1.55 2.97
CA PRO A 15 -47.97 2.72 2.10
C PRO A 15 -49.14 3.68 2.35
N GLY A 16 -48.85 4.96 2.51
CA GLY A 16 -49.90 5.94 2.75
C GLY A 16 -50.01 6.38 4.19
N GLU A 17 -49.34 5.68 5.08
CA GLU A 17 -49.37 6.01 6.50
C GLU A 17 -48.26 6.96 6.92
N ARG A 18 -48.44 7.59 8.07
CA ARG A 18 -47.48 8.53 8.63
C ARG A 18 -46.40 7.83 9.45
N ALA A 19 -45.15 8.10 9.11
CA ALA A 19 -44.04 7.51 9.84
C ALA A 19 -43.45 8.60 10.72
N THR A 20 -43.28 8.30 12.00
CA THR A 20 -42.70 9.25 12.93
C THR A 20 -41.54 8.61 13.66
N LEU A 21 -40.33 9.09 13.37
CA LEU A 21 -39.15 8.55 14.04
C LEU A 21 -38.46 9.68 14.80
N SER A 22 -37.73 9.34 15.85
CA SER A 22 -37.10 10.35 16.68
C SER A 22 -35.67 10.08 17.16
N CYS A 23 -34.94 11.16 17.38
CA CYS A 23 -33.59 11.05 17.92
C CYS A 23 -33.49 11.88 19.17
N ARG A 24 -32.90 11.27 20.19
CA ARG A 24 -32.70 11.90 21.48
C ARG A 24 -31.19 12.12 21.62
N ALA A 25 -30.81 13.39 21.76
CA ALA A 25 -29.40 13.70 21.93
C ALA A 25 -29.10 13.62 23.42
N SER A 26 -27.90 13.16 23.75
CA SER A 26 -27.46 13.02 25.14
C SER A 26 -27.39 14.35 25.88
N GLN A 27 -26.88 15.37 25.19
CA GLN A 27 -26.76 16.71 25.76
C GLN A 27 -27.50 17.66 24.82
N SER A 28 -27.54 18.94 25.17
CA SER A 28 -28.20 19.91 24.32
C SER A 28 -27.38 20.06 23.06
N VAL A 29 -28.02 20.16 21.90
CA VAL A 29 -27.22 20.30 20.69
C VAL A 29 -27.18 21.66 20.05
N THR A 30 -25.96 22.18 20.06
CA THR A 30 -25.58 23.46 19.52
C THR A 30 -25.82 23.43 18.02
N ASN A 31 -25.60 22.28 17.41
CA ASN A 31 -25.80 22.16 15.97
C ASN A 31 -26.88 21.21 15.46
N TYR A 32 -28.02 21.80 15.18
CA TYR A 32 -29.22 21.15 14.68
C TYR A 32 -28.99 19.92 13.79
N LEU A 33 -29.44 18.78 14.28
CA LEU A 33 -29.29 17.47 13.63
C LEU A 33 -29.66 17.34 12.15
N ALA A 34 -29.16 16.27 11.55
CA ALA A 34 -29.41 15.95 10.15
C ALA A 34 -29.97 14.52 10.06
N TRP A 35 -30.73 14.24 9.01
CA TRP A 35 -31.30 12.92 8.82
C TRP A 35 -30.88 12.35 7.47
N TYR A 36 -30.68 11.03 7.42
CA TYR A 36 -30.27 10.35 6.20
C TYR A 36 -31.10 9.11 5.95
N GLN A 37 -31.27 8.80 4.67
CA GLN A 37 -32.00 7.62 4.24
C GLN A 37 -30.96 6.72 3.63
N GLN A 38 -31.01 5.44 3.92
CA GLN A 38 -30.05 4.50 3.33
C GLN A 38 -30.77 3.23 2.92
N LYS A 39 -30.54 2.83 1.66
CA LYS A 39 -31.14 1.61 1.17
C LYS A 39 -30.02 0.59 1.11
N PRO A 40 -30.37 -0.70 1.19
CA PRO A 40 -29.40 -1.80 1.16
C PRO A 40 -28.37 -1.73 0.03
N GLY A 41 -27.10 -1.67 0.38
CA GLY A 41 -26.04 -1.63 -0.61
C GLY A 41 -25.73 -0.29 -1.25
N GLN A 42 -26.39 0.76 -0.80
CA GLN A 42 -26.15 2.08 -1.35
C GLN A 42 -25.67 3.06 -0.29
N ALA A 43 -25.19 4.21 -0.74
CA ALA A 43 -24.69 5.24 0.15
C ALA A 43 -25.82 6.07 0.75
N PRO A 44 -25.60 6.58 1.98
CA PRO A 44 -26.59 7.39 2.68
C PRO A 44 -26.86 8.61 1.80
N ARG A 45 -28.05 9.20 1.92
CA ARG A 45 -28.34 10.40 1.16
C ARG A 45 -29.05 11.36 2.11
N LEU A 46 -28.51 12.58 2.19
CA LEU A 46 -29.04 13.61 3.07
C LEU A 46 -30.51 13.93 2.77
N LEU A 47 -31.33 13.90 3.81
CA LEU A 47 -32.76 14.19 3.69
C LEU A 47 -33.08 15.53 4.33
N ILE A 48 -32.64 15.67 5.58
CA ILE A 48 -32.88 16.86 6.38
C ILE A 48 -31.61 17.40 7.05
N TYR A 49 -31.36 18.69 6.92
CA TYR A 49 -30.21 19.29 7.59
C TYR A 49 -30.75 20.45 8.41
N GLY A 50 -30.04 20.82 9.47
CA GLY A 50 -30.50 21.91 10.31
C GLY A 50 -31.85 21.70 10.97
N ALA A 51 -32.23 20.44 11.13
CA ALA A 51 -33.49 20.05 11.77
C ALA A 51 -34.81 20.23 11.00
N SER A 52 -34.93 21.26 10.17
CA SER A 52 -36.19 21.47 9.45
C SER A 52 -36.09 21.67 7.95
N ASN A 53 -34.87 21.81 7.44
CA ASN A 53 -34.66 22.05 6.01
C ASN A 53 -34.50 20.78 5.18
N ARG A 54 -35.22 20.71 4.07
CA ARG A 54 -35.12 19.56 3.19
C ARG A 54 -33.94 19.74 2.24
N ALA A 55 -33.11 18.71 2.15
CA ALA A 55 -31.95 18.76 1.27
C ALA A 55 -32.49 18.94 -0.14
N THR A 56 -31.58 19.19 -1.08
CA THR A 56 -31.98 19.41 -2.46
C THR A 56 -32.55 18.15 -3.14
N GLY A 57 -33.74 18.31 -3.71
CA GLY A 57 -34.39 17.20 -4.40
C GLY A 57 -35.18 16.24 -3.52
N ILE A 58 -35.39 16.62 -2.27
CA ILE A 58 -36.14 15.80 -1.33
C ILE A 58 -37.62 16.17 -1.40
N PRO A 59 -38.50 15.20 -1.72
CA PRO A 59 -39.93 15.51 -1.79
C PRO A 59 -40.50 16.11 -0.51
N ALA A 60 -41.57 16.88 -0.66
CA ALA A 60 -42.22 17.56 0.46
C ALA A 60 -42.75 16.69 1.61
N ARG A 61 -43.02 15.42 1.34
CA ARG A 61 -43.55 14.54 2.38
C ARG A 61 -42.61 14.32 3.56
N PHE A 62 -41.33 14.62 3.37
CA PHE A 62 -40.36 14.47 4.44
C PHE A 62 -40.32 15.79 5.21
N SER A 63 -40.41 15.70 6.53
CA SER A 63 -40.36 16.90 7.35
C SER A 63 -39.62 16.61 8.65
N GLY A 64 -38.97 17.65 9.17
CA GLY A 64 -38.22 17.50 10.40
C GLY A 64 -38.48 18.68 11.30
N SER A 65 -38.34 18.47 12.60
CA SER A 65 -38.55 19.52 13.58
C SER A 65 -37.88 19.09 14.87
N GLY A 66 -37.81 20.01 15.82
CA GLY A 66 -37.18 19.68 17.08
C GLY A 66 -36.12 20.70 17.41
N SER A 67 -35.66 20.67 18.66
CA SER A 67 -34.64 21.60 19.13
C SER A 67 -34.09 21.16 20.46
N GLY A 68 -32.87 21.56 20.77
CA GLY A 68 -32.26 21.19 22.04
C GLY A 68 -31.81 19.75 22.13
N THR A 69 -32.71 18.86 22.55
CA THR A 69 -32.35 17.45 22.69
C THR A 69 -33.27 16.47 21.97
N ASP A 70 -34.42 16.93 21.47
CA ASP A 70 -35.32 16.04 20.77
C ASP A 70 -35.62 16.49 19.35
N PHE A 71 -35.43 15.56 18.42
CA PHE A 71 -35.67 15.81 17.02
C PHE A 71 -36.54 14.70 16.47
N THR A 72 -37.37 15.06 15.51
CA THR A 72 -38.27 14.11 14.89
C THR A 72 -38.22 14.22 13.37
N LEU A 73 -38.28 13.07 12.72
CA LEU A 73 -38.30 13.02 11.27
C LEU A 73 -39.69 12.48 10.98
N THR A 74 -40.42 13.19 10.12
CA THR A 74 -41.77 12.78 9.79
C THR A 74 -41.94 12.57 8.28
N ILE A 75 -42.54 11.46 7.91
CA ILE A 75 -42.83 11.18 6.51
C ILE A 75 -44.35 11.19 6.54
N SER A 76 -44.94 12.28 6.05
CA SER A 76 -46.39 12.46 6.05
C SER A 76 -47.22 11.31 5.46
N SER A 77 -46.75 10.75 4.35
CA SER A 77 -47.43 9.63 3.70
C SER A 77 -46.34 8.80 3.05
N LEU A 78 -46.23 7.54 3.45
CA LEU A 78 -45.20 6.67 2.90
C LEU A 78 -45.43 6.19 1.48
N GLU A 79 -44.39 6.31 0.65
CA GLU A 79 -44.44 5.85 -0.73
C GLU A 79 -43.61 4.56 -0.70
N PRO A 80 -43.82 3.67 -1.68
CA PRO A 80 -43.07 2.40 -1.74
C PRO A 80 -41.56 2.53 -1.57
N GLU A 81 -40.99 3.61 -2.08
CA GLU A 81 -39.55 3.80 -2.00
C GLU A 81 -39.03 4.35 -0.68
N ASP A 82 -39.94 4.63 0.26
CA ASP A 82 -39.52 5.16 1.56
C ASP A 82 -39.17 4.08 2.57
N PHE A 83 -39.38 2.82 2.20
CA PHE A 83 -39.06 1.73 3.11
C PHE A 83 -37.56 1.49 3.05
N ALA A 84 -36.89 2.00 4.09
CA ALA A 84 -35.45 1.91 4.20
C ALA A 84 -35.01 2.11 5.64
N VAL A 85 -33.73 2.40 5.82
CA VAL A 85 -33.17 2.65 7.14
C VAL A 85 -32.84 4.14 7.24
N TYR A 86 -33.17 4.74 8.37
CA TYR A 86 -32.92 6.16 8.58
C TYR A 86 -31.98 6.40 9.75
N TYR A 87 -31.03 7.29 9.55
CA TYR A 87 -30.06 7.64 10.58
C TYR A 87 -30.12 9.13 10.85
N CYS A 88 -29.89 9.50 12.10
CA CYS A 88 -29.86 10.90 12.46
C CYS A 88 -28.39 11.16 12.74
N GLN A 89 -27.96 12.39 12.58
CA GLN A 89 -26.55 12.72 12.79
C GLN A 89 -26.31 14.09 13.40
N GLN A 90 -25.25 14.18 14.19
CA GLN A 90 -24.89 15.41 14.88
C GLN A 90 -23.42 15.75 14.69
N ARG A 91 -23.10 17.04 14.60
CA ARG A 91 -21.70 17.47 14.45
C ARG A 91 -21.50 18.92 14.89
N ASP A 92 -20.37 19.15 15.55
CA ASP A 92 -20.00 20.48 16.06
C ASP A 92 -18.91 21.11 15.22
N ASN A 93 -18.52 22.32 15.59
CA ASN A 93 -17.45 23.01 14.91
C ASN A 93 -16.18 22.36 15.45
N TRP A 94 -16.12 22.22 16.78
CA TRP A 94 -15.00 21.56 17.45
C TRP A 94 -15.39 21.08 18.84
N PRO A 95 -15.04 19.81 19.18
CA PRO A 95 -14.33 18.81 18.38
C PRO A 95 -15.16 18.54 17.13
N PRO A 96 -14.51 18.31 15.98
CA PRO A 96 -15.22 18.07 14.73
C PRO A 96 -15.90 16.72 14.44
N ASP A 97 -15.63 15.70 15.25
CA ASP A 97 -16.23 14.39 15.00
C ASP A 97 -17.75 14.42 14.89
N ALA A 98 -18.26 13.63 13.94
CA ALA A 98 -19.71 13.54 13.75
C ALA A 98 -20.11 12.30 14.53
N THR A 99 -21.37 12.25 14.94
CA THR A 99 -21.88 11.10 15.66
C THR A 99 -23.21 10.75 15.03
N PHE A 100 -23.48 9.45 14.93
CA PHE A 100 -24.70 8.95 14.29
C PHE A 100 -25.63 8.18 15.22
N GLY A 101 -26.92 8.26 14.91
CA GLY A 101 -27.89 7.52 15.68
C GLY A 101 -27.66 6.09 15.23
N GLN A 102 -28.22 5.10 15.92
CA GLN A 102 -27.98 3.72 15.51
C GLN A 102 -28.97 3.20 14.46
N GLY A 103 -29.81 4.09 13.94
CA GLY A 103 -30.76 3.71 12.89
C GLY A 103 -32.12 3.12 13.21
N THR A 104 -33.11 3.54 12.40
CA THR A 104 -34.47 3.05 12.52
C THR A 104 -34.88 2.50 11.17
N LYS A 105 -35.38 1.28 11.14
CA LYS A 105 -35.79 0.67 9.89
C LYS A 105 -37.29 0.80 9.67
N VAL A 106 -37.67 1.36 8.53
CA VAL A 106 -39.08 1.48 8.19
C VAL A 106 -39.38 0.25 7.35
N GLU A 107 -40.26 -0.59 7.86
CA GLU A 107 -40.62 -1.85 7.24
C GLU A 107 -42.10 -1.93 6.85
N ILE A 108 -42.42 -2.82 5.91
CA ILE A 108 -43.78 -3.00 5.42
C ILE A 108 -44.68 -3.86 6.30
N LYS A 109 -45.74 -3.24 6.80
CA LYS A 109 -46.73 -3.91 7.66
C LYS A 109 -47.51 -4.93 6.79
N ARG A 110 -47.84 -6.11 7.34
CA ARG A 110 -48.68 -7.09 6.64
C ARG A 110 -49.36 -7.96 7.71
N THR A 111 -50.13 -8.96 7.30
CA THR A 111 -50.80 -9.80 8.29
C THR A 111 -49.86 -10.87 8.82
N VAL A 112 -50.19 -11.47 9.98
CA VAL A 112 -49.36 -12.53 10.55
C VAL A 112 -49.34 -13.76 9.62
N ALA A 113 -48.18 -14.40 9.53
CA ALA A 113 -48.01 -15.57 8.70
C ALA A 113 -46.98 -16.47 9.36
N ALA A 114 -47.41 -17.66 9.77
CA ALA A 114 -46.51 -18.60 10.42
C ALA A 114 -45.57 -19.21 9.40
N PRO A 115 -44.34 -19.51 9.80
CA PRO A 115 -43.38 -20.10 8.87
C PRO A 115 -43.62 -21.59 8.71
N SER A 116 -43.28 -22.12 7.55
CA SER A 116 -43.39 -23.54 7.31
C SER A 116 -41.93 -23.91 7.56
N VAL A 117 -41.70 -24.91 8.42
CA VAL A 117 -40.33 -25.29 8.78
C VAL A 117 -39.81 -26.56 8.12
N PHE A 118 -38.53 -26.54 7.77
CA PHE A 118 -37.85 -27.67 7.14
C PHE A 118 -36.48 -27.87 7.74
N ILE A 119 -36.09 -29.13 7.93
CA ILE A 119 -34.78 -29.44 8.47
C ILE A 119 -34.05 -30.32 7.45
N PHE A 120 -32.80 -29.98 7.17
CA PHE A 120 -32.01 -30.72 6.20
C PHE A 120 -30.79 -31.36 6.88
N PRO A 121 -30.64 -32.67 6.75
CA PRO A 121 -29.50 -33.36 7.37
C PRO A 121 -28.24 -33.01 6.59
N PRO A 122 -27.07 -33.38 7.13
CA PRO A 122 -25.85 -33.06 6.38
C PRO A 122 -25.88 -34.01 5.20
N SER A 123 -25.42 -33.59 4.03
CA SER A 123 -25.42 -34.49 2.88
C SER A 123 -24.27 -35.48 3.08
N ASP A 124 -24.42 -36.70 2.58
CA ASP A 124 -23.37 -37.70 2.71
C ASP A 124 -22.10 -37.15 2.09
N GLU A 125 -22.29 -36.35 1.05
CA GLU A 125 -21.20 -35.70 0.33
C GLU A 125 -20.38 -34.84 1.28
N GLN A 126 -21.06 -34.04 2.10
CA GLN A 126 -20.37 -33.18 3.06
C GLN A 126 -19.77 -33.99 4.20
N LEU A 127 -20.39 -35.11 4.54
CA LEU A 127 -19.88 -35.94 5.62
C LEU A 127 -18.55 -36.61 5.30
N LYS A 128 -18.32 -36.85 4.02
CA LYS A 128 -17.09 -37.48 3.53
C LYS A 128 -16.01 -36.44 3.30
N SER A 129 -16.33 -35.19 3.63
CA SER A 129 -15.39 -34.09 3.48
C SER A 129 -14.80 -33.86 4.87
N GLY A 130 -15.48 -34.41 5.86
CA GLY A 130 -15.03 -34.29 7.23
C GLY A 130 -15.85 -33.33 8.08
N THR A 131 -16.87 -32.71 7.51
CA THR A 131 -17.70 -31.75 8.24
C THR A 131 -19.19 -32.07 8.19
N ALA A 132 -19.93 -31.47 9.12
CA ALA A 132 -21.38 -31.68 9.19
C ALA A 132 -22.13 -30.39 9.43
N SER A 133 -23.06 -30.08 8.52
CA SER A 133 -23.89 -28.89 8.63
C SER A 133 -25.34 -29.33 8.63
N VAL A 134 -26.07 -28.90 9.65
CA VAL A 134 -27.48 -29.22 9.76
C VAL A 134 -28.18 -27.89 9.52
N VAL A 135 -29.18 -27.90 8.65
CA VAL A 135 -29.89 -26.67 8.30
C VAL A 135 -31.39 -26.68 8.62
N CYS A 136 -31.84 -25.61 9.25
CA CYS A 136 -33.25 -25.44 9.62
C CYS A 136 -33.73 -24.21 8.88
N LEU A 137 -34.73 -24.40 8.02
CA LEU A 137 -35.28 -23.32 7.23
C LEU A 137 -36.65 -22.87 7.73
N LEU A 138 -36.83 -21.56 7.89
CA LEU A 138 -38.10 -20.96 8.32
C LEU A 138 -38.53 -20.18 7.08
N ASN A 139 -39.57 -20.68 6.43
CA ASN A 139 -40.03 -20.06 5.20
C ASN A 139 -41.26 -19.16 5.21
N ASN A 140 -41.12 -18.01 4.58
CA ASN A 140 -42.19 -17.03 4.43
C ASN A 140 -43.06 -16.77 5.66
N PHE A 141 -42.49 -16.10 6.65
CA PHE A 141 -43.21 -15.77 7.87
C PHE A 141 -43.28 -14.26 8.10
N TYR A 142 -44.14 -13.87 9.04
CA TYR A 142 -44.30 -12.47 9.41
C TYR A 142 -45.02 -12.39 10.75
N PRO A 143 -44.56 -11.52 11.66
CA PRO A 143 -43.44 -10.59 11.54
C PRO A 143 -42.05 -11.22 11.64
N ARG A 144 -41.04 -10.36 11.61
CA ARG A 144 -39.63 -10.71 11.67
C ARG A 144 -39.20 -11.60 12.84
N GLU A 145 -39.55 -11.21 14.06
CA GLU A 145 -39.19 -11.95 15.26
C GLU A 145 -39.43 -13.46 15.15
N ALA A 146 -38.38 -14.24 15.36
CA ALA A 146 -38.46 -15.69 15.30
C ALA A 146 -37.36 -16.31 16.15
N LYS A 147 -37.68 -17.43 16.80
CA LYS A 147 -36.70 -18.08 17.66
C LYS A 147 -36.43 -19.52 17.23
N VAL A 148 -35.16 -19.82 17.01
CA VAL A 148 -34.74 -21.15 16.61
C VAL A 148 -33.88 -21.74 17.72
N GLN A 149 -34.25 -22.94 18.16
CA GLN A 149 -33.53 -23.64 19.22
C GLN A 149 -33.10 -25.00 18.70
N TRP A 150 -31.80 -25.25 18.67
CA TRP A 150 -31.26 -26.51 18.20
C TRP A 150 -31.09 -27.50 19.35
N LYS A 151 -31.34 -28.78 19.06
CA LYS A 151 -31.19 -29.83 20.06
C LYS A 151 -30.62 -31.11 19.45
N VAL A 152 -29.62 -31.67 20.13
CA VAL A 152 -28.96 -32.89 19.70
C VAL A 152 -29.13 -33.88 20.85
N ASP A 153 -29.93 -34.92 20.62
CA ASP A 153 -30.24 -35.92 21.64
C ASP A 153 -30.69 -35.20 22.90
N ASN A 154 -31.48 -34.16 22.70
CA ASN A 154 -32.05 -33.32 23.74
C ASN A 154 -31.08 -32.38 24.43
N ALA A 155 -29.85 -32.29 23.90
CA ALA A 155 -28.87 -31.38 24.47
C ALA A 155 -29.03 -30.06 23.75
N LEU A 156 -29.34 -29.00 24.49
CA LEU A 156 -29.52 -27.67 23.92
C LEU A 156 -28.19 -27.23 23.33
N GLN A 157 -28.21 -26.72 22.11
CA GLN A 157 -27.00 -26.26 21.46
C GLN A 157 -26.88 -24.74 21.58
N SER A 158 -25.70 -24.28 21.96
CA SER A 158 -25.47 -22.85 22.13
C SER A 158 -24.07 -22.47 21.66
N GLY A 159 -24.01 -21.47 20.78
CA GLY A 159 -22.73 -21.01 20.27
C GLY A 159 -22.21 -21.67 19.00
N ASN A 160 -22.89 -22.69 18.52
CA ASN A 160 -22.43 -23.38 17.31
C ASN A 160 -23.39 -23.31 16.14
N SER A 161 -24.19 -22.24 16.09
CA SER A 161 -25.13 -22.06 14.99
C SER A 161 -25.11 -20.60 14.56
N GLN A 162 -25.38 -20.39 13.27
CA GLN A 162 -25.43 -19.05 12.72
C GLN A 162 -26.67 -18.99 11.86
N GLU A 163 -27.40 -17.89 11.92
CA GLU A 163 -28.58 -17.76 11.11
C GLU A 163 -28.46 -16.58 10.17
N SER A 164 -29.31 -16.58 9.15
CA SER A 164 -29.30 -15.54 8.14
C SER A 164 -30.75 -15.27 7.74
N VAL A 165 -31.08 -14.01 7.46
CA VAL A 165 -32.44 -13.63 7.10
C VAL A 165 -32.50 -12.78 5.84
N THR A 166 -33.47 -13.10 4.97
CA THR A 166 -33.64 -12.35 3.73
C THR A 166 -34.38 -11.05 3.99
N GLU A 167 -34.39 -10.19 2.97
CA GLU A 167 -35.09 -8.91 3.06
C GLU A 167 -36.55 -9.25 2.80
N GLN A 168 -37.46 -8.33 3.15
CA GLN A 168 -38.87 -8.59 2.92
C GLN A 168 -39.11 -8.93 1.46
N ASP A 169 -39.80 -10.04 1.23
CA ASP A 169 -40.10 -10.49 -0.11
C ASP A 169 -40.90 -9.39 -0.81
N SER A 170 -40.54 -9.11 -2.06
CA SER A 170 -41.20 -8.06 -2.83
C SER A 170 -42.64 -8.37 -3.23
N LYS A 171 -42.99 -9.65 -3.26
CA LYS A 171 -44.34 -10.06 -3.62
C LYS A 171 -45.25 -10.11 -2.40
N ASP A 172 -44.94 -11.01 -1.46
CA ASP A 172 -45.77 -11.17 -0.26
C ASP A 172 -45.34 -10.44 1.02
N SER A 173 -44.18 -9.79 1.00
CA SER A 173 -43.68 -9.04 2.15
C SER A 173 -43.26 -9.85 3.37
N THR A 174 -43.03 -11.15 3.18
CA THR A 174 -42.62 -12.00 4.30
C THR A 174 -41.10 -12.07 4.40
N TYR A 175 -40.65 -12.79 5.41
CA TYR A 175 -39.22 -12.99 5.66
C TYR A 175 -38.96 -14.48 5.63
N SER A 176 -37.70 -14.83 5.42
CA SER A 176 -37.28 -16.23 5.42
C SER A 176 -35.96 -16.22 6.17
N LEU A 177 -35.76 -17.25 6.98
CA LEU A 177 -34.57 -17.36 7.79
C LEU A 177 -33.94 -18.73 7.69
N SER A 178 -32.61 -18.76 7.65
CA SER A 178 -31.86 -19.99 7.56
C SER A 178 -31.01 -20.10 8.81
N SER A 179 -30.97 -21.28 9.40
CA SER A 179 -30.17 -21.51 10.60
C SER A 179 -29.33 -22.75 10.35
N THR A 180 -28.01 -22.60 10.46
CA THR A 180 -27.09 -23.70 10.23
C THR A 180 -26.35 -24.11 11.51
N LEU A 181 -26.42 -25.39 11.84
CA LEU A 181 -25.75 -25.92 13.02
C LEU A 181 -24.49 -26.61 12.50
N THR A 182 -23.33 -26.19 13.01
CA THR A 182 -22.06 -26.76 12.58
C THR A 182 -21.52 -27.74 13.63
N LEU A 183 -21.10 -28.92 13.16
CA LEU A 183 -20.55 -29.94 14.05
C LEU A 183 -19.40 -30.66 13.37
N SER A 184 -18.47 -31.16 14.17
CA SER A 184 -17.38 -31.93 13.60
C SER A 184 -18.19 -33.16 13.19
N LYS A 185 -17.77 -33.89 12.16
CA LYS A 185 -18.56 -35.04 11.76
C LYS A 185 -18.52 -36.19 12.76
N ALA A 186 -17.39 -36.35 13.45
CA ALA A 186 -17.27 -37.42 14.44
C ALA A 186 -18.34 -37.16 15.48
N ASP A 187 -18.53 -35.88 15.79
CA ASP A 187 -19.52 -35.43 16.76
C ASP A 187 -20.90 -35.81 16.23
N TYR A 188 -21.15 -35.40 15.00
CA TYR A 188 -22.42 -35.69 14.34
C TYR A 188 -22.73 -37.18 14.37
N GLU A 189 -21.71 -38.01 14.16
CA GLU A 189 -21.87 -39.47 14.13
C GLU A 189 -22.17 -40.09 15.50
N LYS A 190 -21.89 -39.36 16.57
CA LYS A 190 -22.11 -39.85 17.93
C LYS A 190 -23.53 -39.64 18.43
N HIS A 191 -24.35 -38.97 17.62
CA HIS A 191 -25.70 -38.69 18.04
C HIS A 191 -26.81 -39.13 17.09
N LYS A 192 -28.02 -39.21 17.63
CA LYS A 192 -29.20 -39.68 16.91
C LYS A 192 -30.25 -38.65 16.50
N VAL A 193 -30.85 -38.00 17.49
CA VAL A 193 -31.91 -37.03 17.26
C VAL A 193 -31.45 -35.58 17.09
N TYR A 194 -31.68 -35.05 15.89
CA TYR A 194 -31.34 -33.67 15.57
C TYR A 194 -32.65 -32.93 15.37
N ALA A 195 -32.85 -31.88 16.15
CA ALA A 195 -34.10 -31.13 16.09
C ALA A 195 -34.01 -29.62 16.13
N CYS A 196 -34.87 -28.97 15.36
CA CYS A 196 -34.93 -27.52 15.32
C CYS A 196 -36.31 -27.06 15.73
N GLU A 197 -36.39 -26.49 16.93
CA GLU A 197 -37.66 -26.00 17.45
C GLU A 197 -37.82 -24.51 17.15
N VAL A 198 -38.92 -24.18 16.49
CA VAL A 198 -39.20 -22.81 16.11
C VAL A 198 -40.37 -22.19 16.87
N THR A 199 -40.14 -20.98 17.39
CA THR A 199 -41.17 -20.25 18.12
C THR A 199 -41.47 -19.00 17.30
N HIS A 200 -42.75 -18.75 17.05
CA HIS A 200 -43.17 -17.59 16.27
C HIS A 200 -44.61 -17.24 16.58
N GLN A 201 -44.92 -15.95 16.52
CA GLN A 201 -46.26 -15.44 16.82
C GLN A 201 -47.37 -16.09 15.99
N GLY A 202 -47.04 -16.55 14.78
CA GLY A 202 -48.03 -17.17 13.93
C GLY A 202 -48.33 -18.59 14.37
N LEU A 203 -47.48 -19.11 15.25
CA LEU A 203 -47.63 -20.47 15.78
C LEU A 203 -48.16 -20.38 17.20
N ARG A 204 -49.15 -21.21 17.52
CA ARG A 204 -49.75 -21.20 18.85
C ARG A 204 -48.96 -22.09 19.81
N SER A 205 -48.19 -23.00 19.24
CA SER A 205 -47.32 -23.92 20.00
C SER A 205 -46.05 -23.98 19.16
N PRO A 206 -44.89 -24.12 19.81
CA PRO A 206 -43.66 -24.20 19.03
C PRO A 206 -43.71 -25.39 18.08
N VAL A 207 -43.01 -25.31 16.96
CA VAL A 207 -42.97 -26.42 16.02
C VAL A 207 -41.54 -26.93 15.96
N THR A 208 -41.37 -28.25 15.97
CA THR A 208 -40.04 -28.80 15.88
C THR A 208 -39.98 -29.83 14.77
N LYS A 209 -38.95 -29.72 13.94
CA LYS A 209 -38.72 -30.64 12.84
C LYS A 209 -37.44 -31.36 13.24
N SER A 210 -37.46 -32.68 13.20
CA SER A 210 -36.29 -33.45 13.57
C SER A 210 -36.13 -34.66 12.68
N PHE A 211 -34.97 -35.27 12.78
CA PHE A 211 -34.67 -36.49 12.04
C PHE A 211 -33.73 -37.30 12.89
N ASN A 212 -33.68 -38.59 12.62
CA ASN A 212 -32.78 -39.48 13.36
C ASN A 212 -31.69 -39.82 12.37
N ARG A 213 -30.44 -39.75 12.83
CA ARG A 213 -29.32 -40.05 11.96
C ARG A 213 -29.40 -41.50 11.48
N LEU B 1 -24.12 16.49 -11.24
CA LEU B 1 -23.25 17.70 -11.18
C LEU B 1 -22.17 17.49 -10.10
N ILE B 2 -22.55 17.59 -8.83
CA ILE B 2 -21.60 17.37 -7.74
C ILE B 2 -21.42 15.86 -7.67
N ASN B 3 -20.18 15.41 -7.51
CA ASN B 3 -19.91 13.98 -7.52
C ASN B 3 -18.65 13.54 -6.79
N LEU B 4 -18.74 12.41 -6.08
CA LEU B 4 -17.62 11.84 -5.34
C LEU B 4 -17.42 10.40 -5.82
N VAL B 5 -16.20 10.08 -6.25
CA VAL B 5 -15.88 8.73 -6.74
C VAL B 5 -14.72 8.14 -5.95
N GLU B 6 -14.96 7.01 -5.30
CA GLU B 6 -13.93 6.37 -4.50
C GLU B 6 -13.31 5.15 -5.17
N SER B 7 -12.09 4.85 -4.75
CA SER B 7 -11.33 3.70 -5.25
C SER B 7 -10.32 3.35 -4.15
N GLY B 8 -9.67 2.20 -4.28
CA GLY B 8 -8.68 1.82 -3.29
C GLY B 8 -9.02 0.67 -2.36
N GLY B 9 -10.30 0.34 -2.25
CA GLY B 9 -10.70 -0.76 -1.38
C GLY B 9 -10.08 -2.05 -1.87
N GLY B 10 -10.07 -3.07 -1.02
CA GLY B 10 -9.49 -4.34 -1.42
C GLY B 10 -9.42 -5.34 -0.28
N VAL B 11 -9.12 -6.58 -0.62
CA VAL B 11 -8.99 -7.63 0.37
C VAL B 11 -7.52 -7.64 0.77
N VAL B 12 -7.28 -7.54 2.07
CA VAL B 12 -5.93 -7.46 2.59
C VAL B 12 -5.77 -8.26 3.89
N GLN B 13 -4.53 -8.64 4.20
CA GLN B 13 -4.25 -9.39 5.41
C GLN B 13 -4.02 -8.38 6.54
N PRO B 14 -4.23 -8.80 7.79
CA PRO B 14 -3.99 -7.84 8.88
C PRO B 14 -2.51 -7.47 8.96
N GLY B 15 -2.23 -6.21 9.26
CA GLY B 15 -0.85 -5.76 9.35
C GLY B 15 -0.45 -5.05 8.07
N ARG B 16 -1.20 -5.29 7.00
CA ARG B 16 -0.94 -4.68 5.70
C ARG B 16 -1.54 -3.28 5.66
N SER B 17 -1.39 -2.61 4.53
CA SER B 17 -1.92 -1.26 4.37
C SER B 17 -2.73 -1.14 3.08
N LEU B 18 -3.58 -0.13 3.05
CA LEU B 18 -4.40 0.17 1.88
C LEU B 18 -4.48 1.67 1.85
N ARG B 19 -4.80 2.22 0.69
CA ARG B 19 -4.92 3.64 0.58
C ARG B 19 -6.18 3.94 -0.19
N LEU B 20 -7.05 4.73 0.43
CA LEU B 20 -8.32 5.08 -0.17
C LEU B 20 -8.32 6.44 -0.84
N SER B 21 -8.96 6.50 -2.00
CA SER B 21 -9.07 7.72 -2.77
C SER B 21 -10.53 8.10 -3.00
N CYS B 22 -10.77 9.40 -3.05
CA CYS B 22 -12.10 9.94 -3.27
C CYS B 22 -11.90 11.17 -4.14
N ALA B 23 -12.23 11.05 -5.42
CA ALA B 23 -12.08 12.15 -6.36
C ALA B 23 -13.38 12.95 -6.40
N ALA B 24 -13.26 14.27 -6.33
CA ALA B 24 -14.43 15.13 -6.35
C ALA B 24 -14.50 16.05 -7.56
N SER B 25 -15.72 16.25 -8.05
CA SER B 25 -15.97 17.11 -9.20
C SER B 25 -17.34 17.75 -9.01
N GLY B 26 -17.61 18.84 -9.74
CA GLY B 26 -18.90 19.49 -9.63
C GLY B 26 -19.04 20.62 -8.62
N PHE B 27 -18.00 20.85 -7.82
CA PHE B 27 -18.02 21.92 -6.82
C PHE B 27 -16.59 22.31 -6.52
N THR B 28 -16.40 23.42 -5.83
CA THR B 28 -15.06 23.85 -5.49
C THR B 28 -14.56 23.10 -4.27
N PHE B 29 -13.81 22.04 -4.54
CA PHE B 29 -13.24 21.15 -3.54
C PHE B 29 -12.53 21.86 -2.40
N SER B 30 -11.65 22.80 -2.75
CA SER B 30 -10.89 23.55 -1.75
C SER B 30 -11.69 24.27 -0.66
N ARG B 31 -12.97 24.50 -0.92
CA ARG B 31 -13.82 25.20 0.05
C ARG B 31 -14.39 24.38 1.21
N TYR B 32 -14.51 23.06 1.04
CA TYR B 32 -15.11 22.25 2.09
C TYR B 32 -14.24 21.21 2.80
N GLY B 33 -14.59 20.95 4.06
CA GLY B 33 -13.88 19.95 4.83
C GLY B 33 -14.42 18.64 4.33
N MET B 34 -13.61 17.59 4.36
CA MET B 34 -14.02 16.28 3.87
C MET B 34 -13.88 15.22 4.95
N HIS B 35 -14.78 14.23 4.94
CA HIS B 35 -14.76 13.16 5.94
C HIS B 35 -14.82 11.74 5.38
N TRP B 36 -14.40 10.80 6.21
CA TRP B 36 -14.47 9.39 5.87
C TRP B 36 -15.43 8.81 6.89
N VAL B 37 -16.40 8.04 6.40
CA VAL B 37 -17.39 7.42 7.27
C VAL B 37 -17.50 5.96 6.84
N ARG B 38 -17.36 5.04 7.79
CA ARG B 38 -17.43 3.62 7.47
C ARG B 38 -18.70 2.97 8.00
N GLN B 39 -19.00 1.79 7.47
CA GLN B 39 -20.17 1.01 7.88
C GLN B 39 -19.81 -0.47 7.84
N ALA B 40 -19.52 -1.03 9.02
CA ALA B 40 -19.16 -2.44 9.11
C ALA B 40 -20.39 -3.26 8.71
N PRO B 41 -20.20 -4.54 8.37
CA PRO B 41 -21.33 -5.39 7.97
C PRO B 41 -22.43 -5.47 9.03
N GLY B 42 -23.67 -5.25 8.59
CA GLY B 42 -24.81 -5.31 9.49
C GLY B 42 -24.82 -4.19 10.51
N LYS B 43 -24.15 -3.08 10.19
CA LYS B 43 -24.09 -1.96 11.12
C LYS B 43 -24.58 -0.62 10.62
N GLY B 44 -24.48 0.36 11.52
CA GLY B 44 -24.88 1.70 11.21
C GLY B 44 -23.65 2.49 10.83
N LEU B 45 -23.83 3.78 10.58
CA LEU B 45 -22.74 4.64 10.19
C LEU B 45 -21.84 4.94 11.38
N GLU B 46 -20.54 4.95 11.13
CA GLU B 46 -19.55 5.22 12.15
C GLU B 46 -18.48 6.14 11.56
N TRP B 47 -18.49 7.39 12.01
CA TRP B 47 -17.56 8.41 11.54
C TRP B 47 -16.11 7.96 11.77
N VAL B 48 -15.23 8.28 10.81
CA VAL B 48 -13.83 7.87 10.90
C VAL B 48 -12.84 9.01 11.05
N ALA B 49 -12.96 10.05 10.22
CA ALA B 49 -12.05 11.18 10.30
C ALA B 49 -12.44 12.32 9.38
N VAL B 50 -11.77 13.47 9.56
CA VAL B 50 -12.02 14.64 8.75
C VAL B 50 -10.72 15.40 8.55
N VAL B 51 -10.65 16.17 7.47
CA VAL B 51 -9.51 16.99 7.17
C VAL B 51 -10.10 18.33 6.75
N SER B 52 -9.62 19.41 7.37
CA SER B 52 -10.12 20.75 7.07
C SER B 52 -10.05 21.05 5.59
N SER B 53 -10.83 22.03 5.14
CA SER B 53 -10.87 22.42 3.74
C SER B 53 -9.50 22.73 3.16
N ASP B 54 -8.52 23.05 4.01
CA ASP B 54 -7.18 23.38 3.52
C ASP B 54 -6.09 22.39 3.93
N GLY B 55 -6.52 21.15 4.23
CA GLY B 55 -5.60 20.08 4.61
C GLY B 55 -4.65 20.27 5.79
N ARG B 56 -4.80 21.38 6.50
CA ARG B 56 -3.93 21.68 7.64
C ARG B 56 -4.27 20.98 8.96
N THR B 57 -5.55 20.84 9.27
CA THR B 57 -5.94 20.19 10.51
C THR B 57 -6.82 18.97 10.32
N THR B 58 -6.42 17.89 10.97
CA THR B 58 -7.11 16.61 10.91
C THR B 58 -7.57 16.14 12.29
N TYR B 59 -8.54 15.24 12.31
CA TYR B 59 -9.06 14.70 13.56
C TYR B 59 -9.53 13.27 13.29
N TYR B 60 -9.28 12.38 14.24
CA TYR B 60 -9.63 10.97 14.07
C TYR B 60 -10.48 10.32 15.15
N ALA B 61 -11.17 9.26 14.77
CA ALA B 61 -11.97 8.51 15.72
C ALA B 61 -10.85 7.82 16.50
N ASP B 62 -11.08 7.53 17.76
CA ASP B 62 -10.05 6.90 18.57
C ASP B 62 -9.58 5.51 18.13
N SER B 63 -10.46 4.73 17.53
CA SER B 63 -10.10 3.39 17.09
C SER B 63 -9.10 3.36 15.93
N VAL B 64 -8.88 4.51 15.28
CA VAL B 64 -7.95 4.55 14.15
C VAL B 64 -6.72 5.44 14.27
N LYS B 65 -6.68 6.37 15.24
CA LYS B 65 -5.51 7.24 15.31
C LYS B 65 -4.21 6.50 15.58
N GLY B 66 -3.17 6.94 14.87
CA GLY B 66 -1.86 6.33 14.98
C GLY B 66 -1.69 5.30 13.88
N ARG B 67 -2.78 5.02 13.19
CA ARG B 67 -2.77 4.03 12.11
C ARG B 67 -3.24 4.61 10.78
N PHE B 68 -4.33 5.37 10.84
CA PHE B 68 -4.90 6.00 9.66
C PHE B 68 -4.54 7.48 9.65
N THR B 69 -4.29 8.01 8.46
CA THR B 69 -4.02 9.44 8.35
C THR B 69 -4.83 9.92 7.15
N ILE B 70 -5.58 11.00 7.37
CA ILE B 70 -6.42 11.56 6.33
C ILE B 70 -5.74 12.81 5.77
N SER B 71 -5.76 12.96 4.45
CA SER B 71 -5.15 14.12 3.82
C SER B 71 -5.84 14.44 2.50
N ARG B 72 -5.45 15.55 1.88
CA ARG B 72 -6.07 15.98 0.63
C ARG B 72 -5.11 16.73 -0.29
N ASP B 73 -5.46 16.78 -1.57
CA ASP B 73 -4.69 17.50 -2.58
C ASP B 73 -5.72 18.34 -3.33
N ASN B 74 -5.82 19.61 -2.96
CA ASN B 74 -6.78 20.52 -3.58
C ASN B 74 -6.52 20.87 -5.04
N SER B 75 -5.35 20.50 -5.56
CA SER B 75 -5.04 20.78 -6.95
C SER B 75 -5.49 19.60 -7.81
N LYS B 76 -5.81 18.50 -7.14
CA LYS B 76 -6.28 17.28 -7.80
C LYS B 76 -7.74 17.02 -7.46
N ASN B 77 -8.23 17.69 -6.42
CA ASN B 77 -9.62 17.53 -5.96
C ASN B 77 -9.80 16.09 -5.51
N THR B 78 -8.82 15.60 -4.74
CA THR B 78 -8.83 14.23 -4.25
C THR B 78 -8.55 14.12 -2.75
N LEU B 79 -9.40 13.36 -2.07
CA LEU B 79 -9.29 13.11 -0.63
C LEU B 79 -8.68 11.72 -0.47
N TYR B 80 -7.82 11.56 0.53
CA TYR B 80 -7.18 10.27 0.76
C TYR B 80 -7.33 9.75 2.19
N LEU B 81 -7.13 8.46 2.33
CA LEU B 81 -7.15 7.82 3.64
C LEU B 81 -6.09 6.73 3.58
N GLN B 82 -4.98 6.99 4.25
CA GLN B 82 -3.89 6.05 4.32
C GLN B 82 -4.19 5.18 5.51
N MET B 83 -4.36 3.88 5.27
CA MET B 83 -4.69 2.94 6.33
C MET B 83 -3.56 1.96 6.58
N ASN B 84 -2.96 2.04 7.77
CA ASN B 84 -1.88 1.14 8.11
C ASN B 84 -2.27 0.23 9.28
N SER B 85 -1.49 -0.82 9.46
CA SER B 85 -1.72 -1.78 10.54
C SER B 85 -3.18 -2.20 10.61
N LEU B 86 -3.75 -2.52 9.45
CA LEU B 86 -5.14 -2.94 9.36
C LEU B 86 -5.40 -4.19 10.18
N ARG B 87 -6.55 -4.22 10.85
CA ARG B 87 -6.95 -5.35 11.67
C ARG B 87 -8.33 -5.83 11.21
N ALA B 88 -8.69 -7.05 11.59
CA ALA B 88 -9.97 -7.63 11.20
C ALA B 88 -11.16 -6.72 11.49
N GLU B 89 -11.15 -6.08 12.65
CA GLU B 89 -12.25 -5.20 13.03
C GLU B 89 -12.49 -4.04 12.05
N ASP B 90 -11.50 -3.74 11.23
CA ASP B 90 -11.64 -2.64 10.28
C ASP B 90 -12.52 -2.92 9.06
N THR B 91 -12.66 -4.19 8.65
CA THR B 91 -13.46 -4.46 7.46
C THR B 91 -14.82 -3.79 7.51
N ALA B 92 -15.09 -3.03 6.46
CA ALA B 92 -16.33 -2.28 6.33
C ALA B 92 -16.33 -1.57 4.99
N VAL B 93 -17.42 -0.87 4.70
CA VAL B 93 -17.51 -0.10 3.47
C VAL B 93 -17.13 1.29 3.96
N PHE B 94 -16.21 1.94 3.26
CA PHE B 94 -15.79 3.28 3.65
C PHE B 94 -16.32 4.30 2.64
N TYR B 95 -16.99 5.33 3.15
CA TYR B 95 -17.56 6.38 2.31
C TYR B 95 -16.86 7.70 2.59
N CYS B 96 -16.82 8.57 1.58
CA CYS B 96 -16.27 9.89 1.79
C CYS B 96 -17.50 10.78 1.69
N ALA B 97 -17.54 11.79 2.54
CA ALA B 97 -18.68 12.70 2.55
C ALA B 97 -18.21 14.13 2.57
N LYS B 98 -19.04 15.00 2.00
CA LYS B 98 -18.72 16.42 1.95
C LYS B 98 -19.55 17.20 2.95
N GLU B 99 -18.90 18.08 3.70
CA GLU B 99 -19.63 18.90 4.64
C GLU B 99 -20.53 19.72 3.73
N GLY B 100 -21.81 19.84 4.10
CA GLY B 100 -22.76 20.57 3.28
C GLY B 100 -22.54 22.04 2.98
N GLY B 101 -23.12 22.48 1.88
CA GLY B 101 -22.99 23.88 1.47
C GLY B 101 -23.88 24.78 2.31
N ASP B 102 -25.13 24.39 2.50
CA ASP B 102 -26.05 25.19 3.31
C ASP B 102 -25.77 25.02 4.81
N ASN B 103 -25.45 23.79 5.22
CA ASN B 103 -25.12 23.53 6.62
C ASN B 103 -23.90 22.61 6.60
N LYS B 104 -22.80 23.05 7.22
CA LYS B 104 -21.60 22.25 7.24
C LYS B 104 -21.56 21.14 8.28
N PHE B 105 -22.61 21.02 9.09
CA PHE B 105 -22.66 19.99 10.12
C PHE B 105 -23.48 18.80 9.65
N SER B 106 -23.80 18.80 8.36
CA SER B 106 -24.54 17.72 7.74
C SER B 106 -23.62 17.29 6.61
N PHE B 107 -23.89 16.12 6.01
CA PHE B 107 -23.07 15.64 4.90
C PHE B 107 -24.01 15.62 3.69
N ASP B 108 -23.87 16.58 2.79
CA ASP B 108 -24.75 16.64 1.63
C ASP B 108 -24.50 15.66 0.48
N TYR B 109 -23.26 15.23 0.29
CA TYR B 109 -22.98 14.27 -0.77
C TYR B 109 -22.00 13.20 -0.30
N TRP B 110 -22.24 11.97 -0.73
CA TRP B 110 -21.43 10.82 -0.36
C TRP B 110 -20.93 10.06 -1.58
N GLY B 111 -19.75 9.45 -1.45
CA GLY B 111 -19.20 8.67 -2.54
C GLY B 111 -20.00 7.37 -2.56
N GLN B 112 -19.81 6.55 -3.59
CA GLN B 112 -20.56 5.29 -3.67
C GLN B 112 -20.05 4.25 -2.66
N GLY B 113 -18.89 4.52 -2.08
CA GLY B 113 -18.32 3.61 -1.11
C GLY B 113 -17.29 2.67 -1.71
N THR B 114 -16.31 2.27 -0.90
CA THR B 114 -15.27 1.35 -1.35
C THR B 114 -15.08 0.34 -0.22
N LEU B 115 -15.09 -0.95 -0.59
CA LEU B 115 -14.98 -2.04 0.37
C LEU B 115 -13.57 -2.36 0.87
N VAL B 116 -13.43 -2.44 2.19
CA VAL B 116 -12.16 -2.76 2.83
C VAL B 116 -12.36 -4.05 3.59
N THR B 117 -11.76 -5.13 3.11
CA THR B 117 -11.88 -6.42 3.78
C THR B 117 -10.50 -6.80 4.30
N VAL B 118 -10.42 -7.01 5.61
CA VAL B 118 -9.17 -7.37 6.25
C VAL B 118 -9.30 -8.76 6.86
N SER B 119 -8.57 -9.72 6.30
CA SER B 119 -8.64 -11.09 6.77
C SER B 119 -7.38 -11.88 6.48
N SER B 120 -7.06 -12.83 7.35
CA SER B 120 -5.89 -13.66 7.17
C SER B 120 -6.22 -14.92 6.36
N ALA B 121 -7.43 -14.98 5.84
CA ALA B 121 -7.85 -16.11 5.03
C ALA B 121 -7.43 -15.79 3.60
N SER B 122 -7.23 -16.83 2.79
CA SER B 122 -6.86 -16.60 1.40
C SER B 122 -8.02 -17.01 0.49
N THR B 123 -7.89 -16.69 -0.79
CA THR B 123 -8.92 -16.98 -1.77
C THR B 123 -9.19 -18.48 -1.89
N LYS B 124 -10.47 -18.84 -1.89
CA LYS B 124 -10.88 -20.24 -1.99
C LYS B 124 -12.29 -20.37 -2.57
N GLY B 125 -12.45 -21.28 -3.51
CA GLY B 125 -13.75 -21.50 -4.13
C GLY B 125 -14.60 -22.29 -3.15
N PRO B 126 -15.94 -22.25 -3.28
CA PRO B 126 -16.82 -22.97 -2.37
C PRO B 126 -17.09 -24.41 -2.79
N SER B 127 -17.54 -25.20 -1.82
CA SER B 127 -17.92 -26.57 -2.06
C SER B 127 -19.43 -26.44 -2.02
N VAL B 128 -20.11 -27.03 -2.99
CA VAL B 128 -21.56 -26.95 -3.05
C VAL B 128 -22.16 -28.30 -2.66
N PHE B 129 -22.97 -28.31 -1.60
CA PHE B 129 -23.59 -29.54 -1.14
C PHE B 129 -25.10 -29.43 -1.30
N PRO B 130 -25.77 -30.56 -1.57
CA PRO B 130 -27.23 -30.55 -1.75
C PRO B 130 -28.00 -30.46 -0.44
N LEU B 131 -29.12 -29.75 -0.49
CA LEU B 131 -30.01 -29.61 0.65
C LEU B 131 -31.30 -30.28 0.18
N ALA B 132 -31.49 -31.53 0.58
CA ALA B 132 -32.65 -32.30 0.17
C ALA B 132 -33.54 -32.74 1.34
N THR B 142 -46.15 -28.67 0.27
CA THR B 142 -44.95 -27.94 -0.13
C THR B 142 -43.68 -28.67 0.31
N ALA B 143 -42.65 -28.60 -0.52
CA ALA B 143 -41.38 -29.24 -0.24
C ALA B 143 -40.29 -28.23 -0.53
N ALA B 144 -39.14 -28.40 0.12
CA ALA B 144 -38.03 -27.49 -0.06
C ALA B 144 -36.74 -28.26 -0.33
N LEU B 145 -35.84 -27.62 -1.05
CA LEU B 145 -34.55 -28.19 -1.38
C LEU B 145 -33.65 -27.01 -1.66
N GLY B 146 -32.34 -27.23 -1.67
CA GLY B 146 -31.44 -26.14 -1.93
C GLY B 146 -30.00 -26.56 -2.06
N CYS B 147 -29.13 -25.56 -1.91
CA CYS B 147 -27.70 -25.78 -2.03
C CYS B 147 -26.97 -25.01 -0.95
N LEU B 148 -26.07 -25.69 -0.27
CA LEU B 148 -25.28 -25.06 0.78
C LEU B 148 -23.98 -24.70 0.06
N VAL B 149 -23.75 -23.42 -0.15
CA VAL B 149 -22.54 -22.96 -0.81
C VAL B 149 -21.58 -22.63 0.34
N LYS B 150 -20.72 -23.59 0.64
CA LYS B 150 -19.82 -23.46 1.78
C LYS B 150 -18.32 -23.21 1.60
N ASP B 151 -17.74 -22.66 2.66
CA ASP B 151 -16.33 -22.34 2.76
C ASP B 151 -15.65 -21.67 1.57
N TYR B 152 -16.04 -20.43 1.30
CA TYR B 152 -15.44 -19.67 0.22
C TYR B 152 -14.94 -18.35 0.78
N PHE B 153 -14.07 -17.69 0.03
CA PHE B 153 -13.52 -16.40 0.42
C PHE B 153 -12.90 -15.74 -0.79
N PRO B 154 -13.22 -14.46 -1.03
CA PRO B 154 -14.11 -13.66 -0.20
C PRO B 154 -15.46 -13.56 -0.89
N GLU B 155 -16.26 -12.58 -0.47
CA GLU B 155 -17.54 -12.35 -1.10
C GLU B 155 -17.18 -11.82 -2.49
N PRO B 156 -18.09 -11.94 -3.47
CA PRO B 156 -19.44 -12.50 -3.36
C PRO B 156 -19.57 -13.77 -4.19
N VAL B 157 -20.74 -14.41 -4.10
CA VAL B 157 -21.06 -15.59 -4.89
C VAL B 157 -22.46 -15.32 -5.39
N THR B 158 -22.75 -15.78 -6.59
CA THR B 158 -24.08 -15.59 -7.16
C THR B 158 -24.67 -16.99 -7.27
N VAL B 159 -25.97 -17.10 -7.04
CA VAL B 159 -26.64 -18.38 -7.15
C VAL B 159 -27.91 -18.21 -7.96
N SER B 160 -28.12 -19.10 -8.92
CA SER B 160 -29.31 -19.05 -9.74
C SER B 160 -29.78 -20.50 -9.86
N TRP B 161 -31.04 -20.68 -10.22
CA TRP B 161 -31.58 -22.02 -10.37
C TRP B 161 -32.03 -22.30 -11.80
N ASN B 162 -31.77 -23.51 -12.27
CA ASN B 162 -32.10 -23.94 -13.62
C ASN B 162 -31.72 -22.88 -14.65
N SER B 163 -30.44 -22.53 -14.64
CA SER B 163 -29.86 -21.53 -15.53
C SER B 163 -30.61 -20.20 -15.57
N GLY B 164 -31.38 -19.94 -14.52
CA GLY B 164 -32.13 -18.70 -14.44
C GLY B 164 -33.61 -18.81 -14.79
N ALA B 165 -34.05 -20.01 -15.16
CA ALA B 165 -35.43 -20.25 -15.53
C ALA B 165 -36.37 -20.54 -14.36
N LEU B 166 -35.81 -20.81 -13.19
CA LEU B 166 -36.62 -21.07 -12.00
C LEU B 166 -36.36 -19.88 -11.09
N THR B 167 -37.42 -19.19 -10.70
CA THR B 167 -37.26 -18.00 -9.89
C THR B 167 -38.28 -17.82 -8.76
N SER B 168 -39.49 -18.33 -8.93
CA SER B 168 -40.50 -18.22 -7.89
C SER B 168 -40.18 -19.19 -6.77
N GLY B 169 -40.30 -18.73 -5.53
CA GLY B 169 -40.03 -19.59 -4.39
C GLY B 169 -38.56 -19.73 -4.03
N VAL B 170 -37.70 -18.96 -4.67
CA VAL B 170 -36.26 -19.01 -4.41
C VAL B 170 -35.85 -18.03 -3.33
N HIS B 171 -35.10 -18.50 -2.35
CA HIS B 171 -34.60 -17.64 -1.29
C HIS B 171 -33.12 -17.90 -1.16
N THR B 172 -32.34 -16.91 -1.57
CA THR B 172 -30.89 -16.98 -1.49
C THR B 172 -30.51 -16.08 -0.33
N PHE B 173 -30.16 -16.72 0.78
CA PHE B 173 -29.81 -16.02 2.01
C PHE B 173 -28.47 -15.29 1.97
N PRO B 174 -28.35 -14.23 2.79
CA PRO B 174 -27.11 -13.46 2.85
C PRO B 174 -26.00 -14.36 3.35
N ALA B 175 -24.78 -14.09 2.90
CA ALA B 175 -23.64 -14.88 3.33
C ALA B 175 -23.39 -14.63 4.80
N VAL B 176 -22.84 -15.64 5.47
CA VAL B 176 -22.51 -15.56 6.88
C VAL B 176 -21.01 -15.81 7.01
N LEU B 177 -20.35 -15.07 7.89
CA LEU B 177 -18.91 -15.24 8.09
C LEU B 177 -18.71 -16.24 9.22
N GLN B 178 -18.20 -17.43 8.88
CA GLN B 178 -17.95 -18.48 9.87
C GLN B 178 -16.72 -18.14 10.70
N SER B 179 -16.57 -18.80 11.85
CA SER B 179 -15.45 -18.56 12.73
C SER B 179 -14.09 -18.90 12.12
N SER B 180 -14.12 -19.68 11.04
CA SER B 180 -12.89 -20.09 10.35
C SER B 180 -12.38 -19.02 9.39
N GLY B 181 -13.11 -17.91 9.30
CA GLY B 181 -12.71 -16.84 8.40
C GLY B 181 -13.30 -17.01 7.02
N LEU B 182 -14.03 -18.11 6.81
CA LEU B 182 -14.63 -18.38 5.52
C LEU B 182 -16.13 -18.12 5.52
N TYR B 183 -16.65 -17.71 4.37
CA TYR B 183 -18.07 -17.43 4.21
C TYR B 183 -18.87 -18.68 3.86
N SER B 184 -20.17 -18.60 4.05
CA SER B 184 -21.08 -19.70 3.77
C SER B 184 -22.47 -19.15 3.51
N LEU B 185 -23.18 -19.73 2.56
CA LEU B 185 -24.54 -19.28 2.30
C LEU B 185 -25.41 -20.39 1.76
N SER B 186 -26.71 -20.24 2.01
CA SER B 186 -27.70 -21.20 1.58
C SER B 186 -28.64 -20.60 0.57
N SER B 187 -29.06 -21.42 -0.38
CA SER B 187 -30.01 -20.99 -1.41
C SER B 187 -31.00 -22.13 -1.50
N VAL B 188 -32.27 -21.82 -1.23
CA VAL B 188 -33.32 -22.83 -1.26
C VAL B 188 -34.47 -22.44 -2.18
N VAL B 189 -35.33 -23.41 -2.47
CA VAL B 189 -36.48 -23.17 -3.30
C VAL B 189 -37.60 -24.11 -2.86
N THR B 190 -38.82 -23.58 -2.79
CA THR B 190 -39.97 -24.39 -2.39
C THR B 190 -40.77 -24.77 -3.62
N VAL B 191 -41.15 -26.04 -3.70
CA VAL B 191 -41.94 -26.53 -4.82
C VAL B 191 -43.15 -27.30 -4.29
N PRO B 192 -44.36 -26.90 -4.70
CA PRO B 192 -45.61 -27.56 -4.28
C PRO B 192 -45.72 -29.01 -4.73
N GLN B 199 -39.26 -33.20 -12.80
CA GLN B 199 -38.48 -32.01 -13.08
C GLN B 199 -37.13 -32.06 -12.38
N THR B 200 -36.15 -31.37 -12.95
CA THR B 200 -34.79 -31.32 -12.45
C THR B 200 -34.48 -29.97 -11.79
N TYR B 201 -33.65 -29.99 -10.75
CA TYR B 201 -33.26 -28.78 -10.03
C TYR B 201 -31.75 -28.68 -9.92
N THR B 202 -31.22 -27.60 -10.47
CA THR B 202 -29.79 -27.36 -10.49
C THR B 202 -29.46 -25.95 -10.01
N CYS B 203 -28.50 -25.82 -9.10
CA CYS B 203 -28.09 -24.49 -8.65
C CYS B 203 -26.84 -24.14 -9.43
N ASN B 204 -26.82 -22.94 -9.98
CA ASN B 204 -25.67 -22.50 -10.75
C ASN B 204 -24.94 -21.53 -9.82
N VAL B 205 -23.81 -21.98 -9.30
CA VAL B 205 -23.01 -21.19 -8.39
C VAL B 205 -21.78 -20.63 -9.08
N ASP B 206 -21.55 -19.33 -8.91
CA ASP B 206 -20.42 -18.67 -9.53
C ASP B 206 -19.65 -17.86 -8.49
N HIS B 207 -18.35 -18.11 -8.38
CA HIS B 207 -17.50 -17.39 -7.44
C HIS B 207 -16.31 -16.82 -8.21
N LYS B 208 -16.53 -15.64 -8.76
CA LYS B 208 -15.52 -14.93 -9.57
C LYS B 208 -14.12 -14.87 -8.97
N PRO B 209 -13.99 -14.34 -7.75
CA PRO B 209 -12.67 -14.23 -7.11
C PRO B 209 -11.74 -15.43 -7.29
N SER B 210 -12.30 -16.61 -7.55
CA SER B 210 -11.47 -17.80 -7.70
C SER B 210 -11.75 -18.63 -8.96
N ASN B 211 -12.58 -18.10 -9.86
CA ASN B 211 -12.92 -18.80 -11.09
C ASN B 211 -13.52 -20.17 -10.81
N THR B 212 -14.36 -20.24 -9.78
CA THR B 212 -15.02 -21.48 -9.41
C THR B 212 -16.45 -21.43 -9.93
N LYS B 213 -16.84 -22.47 -10.64
CA LYS B 213 -18.16 -22.56 -11.22
C LYS B 213 -18.70 -23.97 -11.10
N VAL B 214 -19.91 -24.08 -10.57
CA VAL B 214 -20.51 -25.38 -10.37
C VAL B 214 -22.01 -25.41 -10.64
N ASP B 215 -22.43 -26.37 -11.46
CA ASP B 215 -23.84 -26.55 -11.72
C ASP B 215 -24.10 -27.80 -10.90
N LYS B 216 -24.90 -27.63 -9.85
CA LYS B 216 -25.21 -28.70 -8.92
C LYS B 216 -26.65 -29.17 -9.04
N THR B 217 -26.84 -30.39 -9.50
CA THR B 217 -28.17 -30.95 -9.63
C THR B 217 -28.52 -31.63 -8.31
N VAL B 218 -29.57 -31.14 -7.65
CA VAL B 218 -30.00 -31.69 -6.37
C VAL B 218 -31.00 -32.82 -6.57
N GLY C 2 30.02 -1.07 18.44
CA GLY C 2 29.90 0.41 18.61
C GLY C 2 29.94 1.11 17.27
N GLN C 3 31.14 1.37 16.78
CA GLN C 3 31.31 2.01 15.48
C GLN C 3 32.68 1.67 14.90
N LEU C 4 32.69 1.34 13.62
CA LEU C 4 33.90 0.98 12.90
C LEU C 4 34.46 2.13 12.08
N THR C 5 35.77 2.36 12.21
CA THR C 5 36.42 3.41 11.46
C THR C 5 37.39 2.74 10.49
N GLN C 6 37.18 2.97 9.20
CA GLN C 6 38.03 2.37 8.18
C GLN C 6 39.06 3.34 7.64
N SER C 7 40.23 2.81 7.27
CA SER C 7 41.28 3.65 6.74
C SER C 7 42.23 2.84 5.86
N PRO C 8 42.73 3.47 4.78
CA PRO C 8 42.37 4.84 4.45
C PRO C 8 41.04 4.87 3.68
N ALA C 9 40.50 6.05 3.44
CA ALA C 9 39.24 6.17 2.71
C ALA C 9 39.44 5.72 1.27
N THR C 10 40.65 5.93 0.75
CA THR C 10 40.98 5.55 -0.61
C THR C 10 42.39 4.98 -0.70
N LEU C 11 42.50 3.86 -1.41
CA LEU C 11 43.77 3.18 -1.59
C LEU C 11 44.12 3.16 -3.08
N SER C 12 45.22 3.81 -3.45
CA SER C 12 45.65 3.88 -4.84
C SER C 12 46.82 2.93 -5.10
N LEU C 13 46.55 1.85 -5.84
CA LEU C 13 47.58 0.86 -6.17
C LEU C 13 47.50 0.39 -7.63
N SER C 14 48.51 -0.37 -8.03
CA SER C 14 48.58 -0.93 -9.38
C SER C 14 48.33 -2.43 -9.24
N PRO C 15 47.78 -3.07 -10.30
CA PRO C 15 47.55 -4.51 -10.21
C PRO C 15 48.86 -5.24 -9.97
N GLY C 16 48.83 -6.24 -9.09
CA GLY C 16 50.03 -6.98 -8.79
C GLY C 16 50.58 -6.56 -7.44
N GLU C 17 50.20 -5.37 -6.99
CA GLU C 17 50.67 -4.87 -5.70
C GLU C 17 49.81 -5.41 -4.57
N ARG C 18 50.30 -5.26 -3.34
CA ARG C 18 49.61 -5.72 -2.14
C ARG C 18 48.78 -4.61 -1.50
N ALA C 19 47.54 -4.94 -1.14
CA ALA C 19 46.65 -3.96 -0.52
C ALA C 19 46.42 -4.30 0.96
N THR C 20 46.45 -3.27 1.79
CA THR C 20 46.25 -3.44 3.23
C THR C 20 45.20 -2.47 3.75
N LEU C 21 43.98 -2.97 3.99
CA LEU C 21 42.90 -2.13 4.50
C LEU C 21 42.78 -2.45 5.99
N SER C 22 42.43 -1.45 6.80
CA SER C 22 42.31 -1.69 8.23
C SER C 22 41.03 -1.14 8.85
N CYS C 23 40.49 -1.88 9.81
CA CYS C 23 39.29 -1.44 10.52
C CYS C 23 39.55 -1.41 12.01
N ARG C 24 39.19 -0.29 12.60
CA ARG C 24 39.35 -0.04 14.03
C ARG C 24 37.97 -0.03 14.67
N ALA C 25 37.68 -1.03 15.50
CA ALA C 25 36.39 -1.14 16.16
C ALA C 25 36.21 -0.17 17.33
N TYR C 32 33.68 -12.02 15.73
CA TYR C 32 34.55 -10.88 15.47
C TYR C 32 34.04 -9.99 14.35
N LEU C 33 34.91 -9.75 13.37
CA LEU C 33 34.58 -8.90 12.22
C LEU C 33 34.43 -9.67 10.92
N ALA C 34 33.75 -9.04 9.97
CA ALA C 34 33.51 -9.60 8.65
C ALA C 34 33.93 -8.54 7.64
N TRP C 35 34.37 -8.97 6.46
CA TRP C 35 34.76 -8.03 5.42
C TRP C 35 33.95 -8.33 4.16
N TYR C 36 33.56 -7.27 3.46
CA TYR C 36 32.78 -7.43 2.24
C TYR C 36 33.37 -6.62 1.11
N GLN C 37 33.04 -7.03 -0.10
CA GLN C 37 33.49 -6.36 -1.30
C GLN C 37 32.20 -5.97 -2.02
N GLN C 38 32.16 -4.76 -2.56
CA GLN C 38 30.99 -4.33 -3.30
C GLN C 38 31.38 -3.55 -4.53
N LYS C 39 30.82 -3.94 -5.66
CA LYS C 39 31.10 -3.25 -6.91
C LYS C 39 29.86 -2.45 -7.23
N PRO C 40 30.02 -1.33 -7.96
CA PRO C 40 28.91 -0.46 -8.33
C PRO C 40 27.67 -1.21 -8.82
N GLY C 41 26.53 -0.93 -8.19
CA GLY C 41 25.28 -1.56 -8.59
C GLY C 41 25.13 -3.03 -8.25
N GLN C 42 25.96 -3.55 -7.35
CA GLN C 42 25.87 -4.95 -6.98
C GLN C 42 25.73 -5.15 -5.48
N ALA C 43 25.31 -6.34 -5.11
CA ALA C 43 25.13 -6.68 -3.71
C ALA C 43 26.49 -6.89 -3.06
N PRO C 44 26.61 -6.55 -1.77
CA PRO C 44 27.89 -6.75 -1.10
C PRO C 44 28.08 -8.26 -1.09
N ARG C 45 29.30 -8.74 -0.89
CA ARG C 45 29.49 -10.18 -0.84
C ARG C 45 30.62 -10.51 0.13
N LEU C 46 30.31 -11.38 1.08
CA LEU C 46 31.24 -11.80 2.12
C LEU C 46 32.58 -12.32 1.62
N LEU C 47 33.64 -11.82 2.24
CA LEU C 47 35.01 -12.22 1.90
C LEU C 47 35.64 -12.94 3.07
N ILE C 48 35.55 -12.30 4.23
CA ILE C 48 36.13 -12.79 5.47
C ILE C 48 35.12 -12.72 6.63
N TYR C 49 35.07 -13.76 7.45
CA TYR C 49 34.19 -13.77 8.62
C TYR C 49 35.07 -14.20 9.79
N GLY C 50 34.71 -13.77 11.00
CA GLY C 50 35.50 -14.15 12.16
C GLY C 50 36.90 -13.55 12.15
N ALA C 51 37.05 -12.44 11.41
CA ALA C 51 38.32 -11.72 11.30
C ALA C 51 39.39 -12.35 10.42
N SER C 52 39.38 -13.68 10.27
CA SER C 52 40.40 -14.33 9.46
C SER C 52 40.01 -15.55 8.62
N ASN C 53 38.72 -15.84 8.50
CA ASN C 53 38.26 -16.99 7.71
C ASN C 53 37.64 -16.56 6.39
N ARG C 54 38.15 -17.10 5.29
CA ARG C 54 37.60 -16.77 3.97
C ARG C 54 36.28 -17.48 3.74
N ALA C 55 35.32 -16.75 3.16
CA ALA C 55 34.01 -17.33 2.86
C ALA C 55 34.20 -18.28 1.68
N THR C 56 33.19 -19.10 1.40
CA THR C 56 33.25 -20.06 0.30
C THR C 56 33.45 -19.45 -1.09
N GLY C 57 34.47 -19.93 -1.80
CA GLY C 57 34.74 -19.45 -3.14
C GLY C 57 35.59 -18.20 -3.23
N ILE C 58 36.13 -17.75 -2.11
CA ILE C 58 36.97 -16.57 -2.11
C ILE C 58 38.42 -16.96 -2.36
N PRO C 59 39.01 -16.43 -3.45
CA PRO C 59 40.40 -16.69 -3.87
C PRO C 59 41.37 -16.50 -2.70
N ALA C 60 42.46 -17.27 -2.71
CA ALA C 60 43.46 -17.22 -1.64
C ALA C 60 44.24 -15.92 -1.44
N ARG C 61 44.19 -15.01 -2.41
CA ARG C 61 44.93 -13.75 -2.26
C ARG C 61 44.31 -12.88 -1.18
N PHE C 62 43.06 -13.15 -0.85
CA PHE C 62 42.36 -12.41 0.20
C PHE C 62 42.65 -13.08 1.54
N SER C 63 43.04 -12.29 2.53
CA SER C 63 43.32 -12.83 3.86
C SER C 63 42.99 -11.76 4.90
N GLY C 64 42.81 -12.18 6.14
CA GLY C 64 42.49 -11.23 7.19
C GLY C 64 43.09 -11.59 8.54
N SER C 65 43.28 -10.58 9.38
CA SER C 65 43.84 -10.77 10.71
C SER C 65 43.39 -9.61 11.58
N GLY C 66 43.80 -9.63 12.85
CA GLY C 66 43.42 -8.58 13.76
C GLY C 66 43.17 -9.09 15.16
N GLY C 68 40.67 -7.89 18.73
CA GLY C 68 40.57 -6.84 19.73
C GLY C 68 39.91 -5.61 19.16
N THR C 69 40.71 -4.70 18.59
CA THR C 69 40.15 -3.50 17.98
C THR C 69 40.74 -3.20 16.60
N ASP C 70 41.93 -3.72 16.31
CA ASP C 70 42.51 -3.47 14.99
C ASP C 70 42.42 -4.69 14.08
N PHE C 71 41.67 -4.54 13.00
CA PHE C 71 41.48 -5.61 12.05
C PHE C 71 42.01 -5.21 10.68
N THR C 72 42.57 -6.18 9.96
CA THR C 72 43.16 -5.93 8.65
C THR C 72 42.65 -6.88 7.56
N LEU C 73 42.46 -6.33 6.37
CA LEU C 73 42.05 -7.12 5.21
C LEU C 73 43.22 -6.94 4.25
N THR C 74 43.80 -8.06 3.82
CA THR C 74 44.94 -8.01 2.90
C THR C 74 44.62 -8.69 1.57
N ILE C 75 45.07 -8.08 0.48
CA ILE C 75 44.91 -8.65 -0.85
C ILE C 75 46.35 -8.80 -1.33
N SER C 76 46.88 -10.02 -1.25
CA SER C 76 48.26 -10.30 -1.62
C SER C 76 48.78 -9.66 -2.91
N SER C 77 48.02 -9.80 -3.99
CA SER C 77 48.40 -9.26 -5.28
C SER C 77 47.11 -8.91 -6.04
N LEU C 78 46.85 -7.62 -6.20
CA LEU C 78 45.64 -7.12 -6.86
C LEU C 78 45.42 -7.51 -8.33
N GLU C 79 44.22 -8.00 -8.61
CA GLU C 79 43.82 -8.36 -9.97
C GLU C 79 42.93 -7.18 -10.38
N PRO C 80 42.73 -6.97 -11.68
CA PRO C 80 41.89 -5.84 -12.10
C PRO C 80 40.48 -5.81 -11.49
N GLU C 81 39.94 -6.98 -11.17
CA GLU C 81 38.60 -7.07 -10.59
C GLU C 81 38.53 -6.81 -9.09
N ASP C 82 39.67 -6.51 -8.48
CA ASP C 82 39.72 -6.27 -7.04
C ASP C 82 39.54 -4.80 -6.68
N PHE C 83 39.63 -3.94 -7.68
CA PHE C 83 39.45 -2.52 -7.45
C PHE C 83 37.96 -2.32 -7.28
N ALA C 84 37.56 -2.13 -6.03
CA ALA C 84 36.16 -1.95 -5.68
C ALA C 84 36.11 -1.34 -4.29
N VAL C 85 34.93 -1.40 -3.66
CA VAL C 85 34.77 -0.87 -2.32
C VAL C 85 34.75 -2.02 -1.32
N TYR C 86 35.34 -1.80 -0.15
CA TYR C 86 35.39 -2.82 0.88
C TYR C 86 34.85 -2.28 2.19
N TYR C 87 33.93 -3.04 2.78
CA TYR C 87 33.32 -2.66 4.05
C TYR C 87 33.65 -3.70 5.10
N CYS C 88 33.91 -3.25 6.32
CA CYS C 88 34.16 -4.19 7.39
C CYS C 88 32.87 -4.09 8.19
N GLN C 89 32.58 -5.11 8.98
CA GLN C 89 31.35 -5.13 9.75
C GLN C 89 31.43 -5.94 11.02
N GLN C 90 30.68 -5.53 12.04
CA GLN C 90 30.65 -6.25 13.31
C GLN C 90 29.21 -6.35 13.79
N ARG C 91 28.96 -7.31 14.67
CA ARG C 91 27.63 -7.51 15.22
C ARG C 91 27.75 -8.36 16.49
N ASP C 92 26.86 -8.13 17.44
CA ASP C 92 26.86 -8.87 18.70
C ASP C 92 25.55 -9.61 18.92
N ASN C 93 25.59 -10.58 19.82
CA ASN C 93 24.39 -11.36 20.12
C ASN C 93 23.28 -10.42 20.56
N TRP C 94 23.60 -9.52 21.49
CA TRP C 94 22.61 -8.55 21.96
C TRP C 94 23.27 -7.32 22.60
N PRO C 95 22.88 -6.11 22.14
CA PRO C 95 21.90 -5.83 21.10
C PRO C 95 22.34 -6.48 19.79
N PRO C 96 21.39 -6.85 18.92
CA PRO C 96 21.67 -7.51 17.64
C PRO C 96 22.03 -6.65 16.42
N ASP C 97 21.93 -5.33 16.54
CA ASP C 97 22.24 -4.46 15.39
C ASP C 97 23.68 -4.55 14.92
N ALA C 98 23.85 -4.57 13.61
CA ALA C 98 25.18 -4.63 13.01
C ALA C 98 25.65 -3.22 12.70
N THR C 99 26.97 -3.06 12.66
CA THR C 99 27.56 -1.77 12.34
C THR C 99 28.53 -2.00 11.19
N PHE C 100 28.61 -1.03 10.29
CA PHE C 100 29.49 -1.13 9.13
C PHE C 100 30.47 0.02 9.08
N GLY C 101 31.69 -0.27 8.65
CA GLY C 101 32.68 0.77 8.51
C GLY C 101 32.14 1.60 7.37
N GLN C 102 32.71 2.78 7.13
CA GLN C 102 32.19 3.63 6.06
C GLN C 102 32.79 3.31 4.68
N GLY C 103 33.54 2.21 4.60
CA GLY C 103 34.12 1.79 3.33
C GLY C 103 35.44 2.37 2.87
N THR C 104 36.24 1.52 2.22
CA THR C 104 37.53 1.91 1.67
C THR C 104 37.51 1.55 0.20
N LYS C 105 37.79 2.53 -0.66
CA LYS C 105 37.79 2.29 -2.09
C LYS C 105 39.19 1.99 -2.59
N VAL C 106 39.36 0.83 -3.22
CA VAL C 106 40.66 0.48 -3.79
C VAL C 106 40.59 0.94 -5.22
N GLU C 107 41.40 1.95 -5.52
CA GLU C 107 41.44 2.58 -6.81
C GLU C 107 42.74 2.32 -7.57
N ILE C 108 42.72 2.53 -8.88
CA ILE C 108 43.89 2.29 -9.71
C ILE C 108 44.88 3.45 -9.74
N LYS C 109 46.12 3.10 -9.47
CA LYS C 109 47.21 4.06 -9.44
C LYS C 109 47.59 4.48 -10.86
N ARG C 110 47.87 5.74 -11.09
CA ARG C 110 48.40 6.15 -12.40
C ARG C 110 49.14 7.48 -12.16
N THR C 111 49.62 8.06 -13.25
CA THR C 111 50.36 9.31 -13.11
C THR C 111 49.41 10.50 -13.08
N VAL C 112 49.88 11.65 -12.62
CA VAL C 112 49.02 12.84 -12.58
C VAL C 112 48.64 13.25 -14.00
N ALA C 113 47.41 13.75 -14.16
CA ALA C 113 46.93 14.18 -15.45
C ALA C 113 45.97 15.35 -15.27
N ALA C 114 46.31 16.49 -15.86
CA ALA C 114 45.49 17.68 -15.75
C ALA C 114 44.26 17.53 -16.62
N PRO C 115 43.11 18.04 -16.16
CA PRO C 115 41.90 17.91 -16.96
C PRO C 115 41.89 18.97 -18.04
N SER C 116 41.32 18.66 -19.20
CA SER C 116 41.21 19.67 -20.24
C SER C 116 39.80 20.17 -19.95
N VAL C 117 39.65 21.47 -19.82
CA VAL C 117 38.38 22.08 -19.46
C VAL C 117 37.55 22.64 -20.61
N PHE C 118 36.23 22.50 -20.47
CA PHE C 118 35.28 22.98 -21.46
C PHE C 118 34.06 23.60 -20.77
N ILE C 119 33.57 24.69 -21.32
CA ILE C 119 32.40 25.35 -20.77
C ILE C 119 31.36 25.46 -21.87
N PHE C 120 30.13 25.10 -21.55
CA PHE C 120 29.03 25.13 -22.51
C PHE C 120 27.96 26.11 -22.11
N PRO C 121 27.66 27.08 -22.97
CA PRO C 121 26.60 28.02 -22.58
C PRO C 121 25.24 27.35 -22.74
N PRO C 122 24.19 27.94 -22.17
CA PRO C 122 22.86 27.34 -22.30
C PRO C 122 22.49 27.35 -23.78
N SER C 123 21.87 26.28 -24.25
CA SER C 123 21.47 26.22 -25.65
C SER C 123 20.24 27.11 -25.81
N ASP C 124 20.06 27.70 -26.99
CA ASP C 124 18.92 28.56 -27.22
C ASP C 124 17.63 27.76 -27.06
N GLU C 125 17.72 26.47 -27.36
CA GLU C 125 16.57 25.58 -27.24
C GLU C 125 16.11 25.59 -25.78
N GLN C 126 17.05 25.54 -24.85
CA GLN C 126 16.71 25.54 -23.42
C GLN C 126 16.19 26.92 -23.01
N LEU C 127 16.88 27.97 -23.43
CA LEU C 127 16.48 29.32 -23.07
C LEU C 127 15.03 29.57 -23.48
N LYS C 128 14.63 29.01 -24.62
CA LYS C 128 13.27 29.14 -25.12
C LYS C 128 12.27 28.53 -24.14
N SER C 129 12.72 27.53 -23.39
CA SER C 129 11.84 26.85 -22.44
C SER C 129 11.80 27.52 -21.07
N GLY C 130 12.49 28.64 -20.93
CA GLY C 130 12.48 29.37 -19.66
C GLY C 130 13.55 29.10 -18.63
N THR C 131 14.53 28.26 -18.95
CA THR C 131 15.58 27.96 -17.99
C THR C 131 16.95 28.02 -18.65
N ALA C 132 17.99 28.05 -17.81
CA ALA C 132 19.36 28.11 -18.31
C ALA C 132 20.27 27.23 -17.47
N SER C 133 21.08 26.44 -18.15
CA SER C 133 22.04 25.57 -17.49
C SER C 133 23.39 25.81 -18.14
N VAL C 134 24.38 26.17 -17.34
CA VAL C 134 25.71 26.41 -17.85
C VAL C 134 26.48 25.18 -17.37
N VAL C 135 27.16 24.52 -18.30
CA VAL C 135 27.90 23.31 -17.99
C VAL C 135 29.41 23.43 -18.13
N CYS C 136 30.13 22.91 -17.15
CA CYS C 136 31.59 22.92 -17.18
C CYS C 136 32.10 21.50 -17.10
N LEU C 137 32.84 21.10 -18.13
CA LEU C 137 33.38 19.75 -18.21
C LEU C 137 34.87 19.69 -17.90
N LEU C 138 35.24 18.74 -17.04
CA LEU C 138 36.63 18.51 -16.68
C LEU C 138 36.88 17.11 -17.20
N ASN C 139 37.67 17.02 -18.26
CA ASN C 139 37.91 15.73 -18.89
C ASN C 139 39.22 15.01 -18.60
N ASN C 140 39.09 13.72 -18.37
CA ASN C 140 40.21 12.82 -18.12
C ASN C 140 41.35 13.33 -17.24
N PHE C 141 41.11 13.37 -15.94
CA PHE C 141 42.11 13.83 -14.99
C PHE C 141 42.39 12.80 -13.91
N TYR C 142 43.50 13.01 -13.19
CA TYR C 142 43.90 12.13 -12.10
C TYR C 142 44.91 12.89 -11.23
N PRO C 143 44.76 12.82 -9.90
CA PRO C 143 43.73 12.10 -9.15
C PRO C 143 42.31 12.67 -9.17
N ARG C 144 41.43 12.00 -8.44
CA ARG C 144 40.02 12.34 -8.32
C ARG C 144 39.74 13.75 -7.82
N GLU C 145 40.45 14.18 -6.78
CA GLU C 145 40.22 15.51 -6.22
C GLU C 145 40.38 16.66 -7.23
N ALA C 146 39.31 17.41 -7.39
CA ALA C 146 39.28 18.56 -8.30
C ALA C 146 38.33 19.60 -7.71
N LYS C 147 38.59 20.86 -8.00
CA LYS C 147 37.76 21.93 -7.47
C LYS C 147 37.25 22.83 -8.59
N VAL C 148 35.93 23.05 -8.61
CA VAL C 148 35.29 23.88 -9.61
C VAL C 148 34.65 25.09 -8.93
N GLN C 149 34.95 26.28 -9.44
CA GLN C 149 34.41 27.51 -8.88
C GLN C 149 33.70 28.29 -10.00
N TRP C 150 32.41 28.55 -9.82
CA TRP C 150 31.64 29.28 -10.82
C TRP C 150 31.62 30.77 -10.54
N LYS C 151 31.65 31.57 -11.62
CA LYS C 151 31.65 33.02 -11.51
C LYS C 151 30.72 33.63 -12.55
N VAL C 152 29.93 34.62 -12.14
CA VAL C 152 29.02 35.32 -13.03
C VAL C 152 29.34 36.79 -12.79
N ASP C 153 29.92 37.44 -13.80
CA ASP C 153 30.34 38.82 -13.70
C ASP C 153 31.19 38.99 -12.45
N ASN C 154 32.02 37.99 -12.22
CA ASN C 154 32.95 37.93 -11.09
C ASN C 154 32.35 37.66 -9.72
N ALA C 155 31.05 37.37 -9.66
CA ALA C 155 30.43 37.07 -8.38
C ALA C 155 30.57 35.56 -8.14
N LEU C 156 31.21 35.20 -7.03
CA LEU C 156 31.39 33.79 -6.71
C LEU C 156 30.02 33.19 -6.49
N GLN C 157 29.73 32.08 -7.18
CA GLN C 157 28.44 31.43 -7.05
C GLN C 157 28.50 30.34 -5.98
N SER C 158 27.47 30.30 -5.14
CA SER C 158 27.43 29.31 -4.08
C SER C 158 26.01 28.81 -3.81
N GLY C 159 25.83 27.49 -3.87
CA GLY C 159 24.53 26.91 -3.63
C GLY C 159 23.66 26.68 -4.85
N ASN C 160 24.14 27.04 -6.04
CA ASN C 160 23.33 26.86 -7.23
C ASN C 160 24.01 26.00 -8.30
N SER C 161 24.84 25.06 -7.85
CA SER C 161 25.54 24.17 -8.76
C SER C 161 25.63 22.76 -8.18
N GLN C 162 25.69 21.78 -9.07
CA GLN C 162 25.80 20.38 -8.67
C GLN C 162 26.77 19.75 -9.64
N GLU C 163 27.56 18.80 -9.16
CA GLU C 163 28.51 18.14 -10.03
C GLU C 163 28.35 16.64 -9.92
N SER C 164 28.94 15.94 -10.87
CA SER C 164 28.86 14.49 -10.93
C SER C 164 30.20 14.01 -11.47
N VAL C 165 30.64 12.85 -11.00
CA VAL C 165 31.92 12.30 -11.43
C VAL C 165 31.75 10.85 -11.89
N THR C 166 32.43 10.49 -12.96
CA THR C 166 32.35 9.12 -13.50
C THR C 166 33.28 8.19 -12.75
N GLU C 167 33.10 6.89 -12.99
CA GLU C 167 33.96 5.89 -12.37
C GLU C 167 35.25 5.92 -13.17
N GLN C 168 36.33 5.43 -12.58
CA GLN C 168 37.62 5.42 -13.25
C GLN C 168 37.51 4.77 -14.62
N ASP C 169 38.08 5.42 -15.64
CA ASP C 169 38.05 4.90 -17.00
C ASP C 169 38.88 3.62 -17.03
N SER C 170 38.30 2.54 -17.53
CA SER C 170 38.98 1.26 -17.59
C SER C 170 40.22 1.20 -18.47
N LYS C 171 40.33 2.13 -19.41
CA LYS C 171 41.49 2.14 -20.30
C LYS C 171 42.62 3.10 -19.89
N ASP C 172 42.29 4.33 -19.50
CA ASP C 172 43.34 5.26 -19.08
C ASP C 172 43.36 5.56 -17.57
N SER C 173 42.37 5.05 -16.85
CA SER C 173 42.28 5.22 -15.40
C SER C 173 42.03 6.64 -14.90
N THR C 174 41.49 7.48 -15.76
CA THR C 174 41.21 8.86 -15.38
C THR C 174 39.77 9.03 -14.96
N TYR C 175 39.45 10.20 -14.43
CA TYR C 175 38.10 10.52 -14.00
C TYR C 175 37.67 11.71 -14.83
N SER C 176 36.36 11.91 -14.92
CA SER C 176 35.81 13.04 -15.64
C SER C 176 34.77 13.61 -14.69
N LEU C 177 34.59 14.91 -14.75
CA LEU C 177 33.63 15.56 -13.86
C LEU C 177 32.82 16.60 -14.61
N SER C 178 31.54 16.66 -14.29
CA SER C 178 30.64 17.61 -14.91
C SER C 178 30.03 18.46 -13.81
N SER C 179 29.97 19.77 -14.06
CA SER C 179 29.39 20.69 -13.10
C SER C 179 28.39 21.54 -13.84
N THR C 180 27.18 21.62 -13.29
CA THR C 180 26.11 22.40 -13.90
C THR C 180 25.69 23.55 -13.01
N LEU C 181 25.69 24.75 -13.58
CA LEU C 181 25.27 25.94 -12.86
C LEU C 181 23.85 26.20 -13.32
N THR C 182 22.93 26.33 -12.37
CA THR C 182 21.54 26.56 -12.71
C THR C 182 21.09 27.97 -12.32
N LEU C 183 20.61 28.70 -13.32
CA LEU C 183 20.13 30.06 -13.13
C LEU C 183 18.80 30.16 -13.85
N SER C 184 17.94 31.07 -13.40
CA SER C 184 16.67 31.25 -14.08
C SER C 184 17.08 31.99 -15.35
N LYS C 185 16.23 31.96 -16.36
CA LYS C 185 16.54 32.63 -17.61
C LYS C 185 16.73 34.12 -17.39
N ALA C 186 15.86 34.71 -16.56
CA ALA C 186 15.92 36.13 -16.27
C ALA C 186 17.31 36.57 -15.81
N ASP C 187 17.84 35.87 -14.80
CA ASP C 187 19.17 36.20 -14.29
C ASP C 187 20.25 35.95 -15.32
N TYR C 188 20.10 34.88 -16.09
CA TYR C 188 21.09 34.58 -17.12
C TYR C 188 21.21 35.76 -18.07
N GLU C 189 20.07 36.28 -18.50
CA GLU C 189 20.03 37.41 -19.43
C GLU C 189 20.53 38.75 -18.86
N LYS C 190 20.73 38.84 -17.54
CA LYS C 190 21.20 40.09 -16.93
C LYS C 190 22.70 40.17 -16.77
N HIS C 191 23.39 39.03 -16.88
CA HIS C 191 24.83 39.03 -16.72
C HIS C 191 25.55 38.68 -18.02
N LYS C 192 26.82 39.05 -18.09
CA LYS C 192 27.62 38.86 -19.30
C LYS C 192 28.72 37.80 -19.29
N VAL C 193 29.59 37.83 -18.28
CA VAL C 193 30.70 36.89 -18.21
C VAL C 193 30.49 35.66 -17.34
N TYR C 194 30.47 34.50 -17.98
CA TYR C 194 30.29 33.22 -17.31
C TYR C 194 31.61 32.48 -17.31
N ALA C 195 32.12 32.21 -16.11
CA ALA C 195 33.41 31.56 -15.98
C ALA C 195 33.45 30.36 -15.05
N CYS C 196 34.21 29.36 -15.48
CA CYS C 196 34.41 28.14 -14.72
C CYS C 196 35.90 28.11 -14.39
N GLU C 197 36.23 28.22 -13.11
CA GLU C 197 37.64 28.16 -12.71
C GLU C 197 37.94 26.82 -12.08
N VAL C 198 38.88 26.11 -12.68
CA VAL C 198 39.26 24.79 -12.23
C VAL C 198 40.63 24.70 -11.57
N THR C 199 40.66 24.08 -10.40
CA THR C 199 41.89 23.89 -9.64
C THR C 199 42.14 22.38 -9.53
N HIS C 200 43.34 21.97 -9.90
CA HIS C 200 43.71 20.56 -9.86
C HIS C 200 45.22 20.41 -9.72
N GLN C 201 45.66 19.29 -9.20
CA GLN C 201 47.08 19.02 -8.99
C GLN C 201 47.90 19.03 -10.27
N GLY C 202 47.29 18.67 -11.39
CA GLY C 202 48.00 18.64 -12.65
C GLY C 202 48.09 20.02 -13.27
N LEU C 203 47.38 20.97 -12.68
CA LEU C 203 47.37 22.34 -13.15
C LEU C 203 48.30 23.18 -12.28
N ARG C 204 49.29 23.82 -12.91
CA ARG C 204 50.26 24.64 -12.20
C ARG C 204 49.59 25.89 -11.62
N SER C 205 48.64 26.44 -12.37
CA SER C 205 47.86 27.61 -11.96
C SER C 205 46.43 27.22 -12.28
N PRO C 206 45.45 27.84 -11.61
CA PRO C 206 44.06 27.47 -11.92
C PRO C 206 43.76 27.78 -13.38
N VAL C 207 42.86 27.01 -13.98
CA VAL C 207 42.49 27.23 -15.38
C VAL C 207 41.04 27.68 -15.43
N THR C 208 40.77 28.75 -16.18
CA THR C 208 39.39 29.22 -16.28
C THR C 208 38.92 29.35 -17.71
N LYS C 209 37.72 28.82 -17.95
CA LYS C 209 37.07 28.84 -19.25
C LYS C 209 35.87 29.75 -19.09
N SER C 210 35.69 30.67 -20.02
CA SER C 210 34.57 31.57 -19.95
C SER C 210 34.06 31.92 -21.33
N PHE C 211 32.94 32.65 -21.35
CA PHE C 211 32.33 33.10 -22.57
C PHE C 211 31.47 34.29 -22.19
N ASN C 212 31.09 35.09 -23.18
CA ASN C 212 30.26 36.26 -22.96
C ASN C 212 28.87 35.97 -23.52
N ARG C 213 27.83 36.12 -22.70
CA ARG C 213 26.50 35.85 -23.23
C ARG C 213 26.25 36.82 -24.38
N LEU D 1 22.75 -22.91 -5.29
CA LEU D 1 22.20 -23.45 -4.02
C LEU D 1 21.43 -22.35 -3.28
N ILE D 2 22.09 -21.68 -2.33
CA ILE D 2 21.44 -20.61 -1.57
C ILE D 2 21.09 -19.40 -2.45
N ASN D 3 19.91 -18.84 -2.22
CA ASN D 3 19.48 -17.68 -3.00
C ASN D 3 18.39 -16.85 -2.31
N LEU D 4 18.54 -15.54 -2.41
CA LEU D 4 17.59 -14.60 -1.83
C LEU D 4 17.10 -13.70 -2.96
N VAL D 5 15.79 -13.69 -3.17
CA VAL D 5 15.21 -12.86 -4.23
C VAL D 5 14.26 -11.85 -3.59
N GLU D 6 14.52 -10.57 -3.83
CA GLU D 6 13.71 -9.51 -3.25
C GLU D 6 12.75 -8.90 -4.26
N SER D 7 11.69 -8.29 -3.74
CA SER D 7 10.67 -7.64 -4.56
C SER D 7 9.88 -6.69 -3.66
N GLY D 8 9.09 -5.81 -4.26
CA GLY D 8 8.30 -4.89 -3.46
C GLY D 8 8.75 -3.44 -3.49
N GLY D 9 9.99 -3.21 -3.89
CA GLY D 9 10.48 -1.84 -3.95
C GLY D 9 9.74 -1.13 -5.06
N GLY D 10 9.64 0.19 -4.93
CA GLY D 10 8.95 0.96 -5.95
C GLY D 10 9.07 2.44 -5.67
N VAL D 11 8.53 3.26 -6.58
CA VAL D 11 8.55 4.70 -6.41
C VAL D 11 7.25 5.01 -5.69
N VAL D 12 7.34 5.79 -4.63
CA VAL D 12 6.16 6.11 -3.84
C VAL D 12 6.28 7.48 -3.17
N GLN D 13 5.14 8.15 -2.98
CA GLN D 13 5.13 9.48 -2.37
C GLN D 13 5.36 9.44 -0.87
N PRO D 14 5.80 10.56 -0.29
CA PRO D 14 6.03 10.61 1.16
C PRO D 14 4.71 10.34 1.87
N GLY D 15 4.75 9.54 2.93
CA GLY D 15 3.54 9.23 3.67
C GLY D 15 2.89 7.93 3.28
N ARG D 16 3.26 7.39 2.12
CA ARG D 16 2.71 6.13 1.64
C ARG D 16 3.44 4.95 2.25
N SER D 17 3.04 3.75 1.86
CA SER D 17 3.66 2.53 2.36
C SER D 17 4.11 1.66 1.20
N LEU D 18 5.01 0.74 1.51
CA LEU D 18 5.55 -0.22 0.56
C LEU D 18 5.80 -1.42 1.43
N ARG D 19 5.92 -2.59 0.82
CA ARG D 19 6.15 -3.80 1.58
C ARG D 19 7.07 -4.73 0.81
N LEU D 20 8.26 -4.94 1.37
CA LEU D 20 9.30 -5.78 0.78
C LEU D 20 9.20 -7.26 1.11
N SER D 21 9.71 -8.08 0.19
CA SER D 21 9.73 -9.53 0.35
C SER D 21 11.09 -10.03 -0.14
N CYS D 22 11.58 -11.06 0.54
CA CYS D 22 12.85 -11.68 0.22
C CYS D 22 12.59 -13.17 0.34
N ALA D 23 12.52 -13.85 -0.79
CA ALA D 23 12.24 -15.27 -0.83
C ALA D 23 13.53 -16.09 -0.78
N ALA D 24 13.63 -16.94 0.24
CA ALA D 24 14.82 -17.77 0.44
C ALA D 24 14.70 -19.19 -0.11
N SER D 25 15.85 -19.74 -0.51
CA SER D 25 15.92 -21.10 -1.05
C SER D 25 17.35 -21.60 -0.94
N GLY D 26 17.54 -22.91 -0.94
CA GLY D 26 18.88 -23.46 -0.85
C GLY D 26 19.42 -23.66 0.55
N PHE D 27 18.60 -23.38 1.55
CA PHE D 27 19.00 -23.54 2.95
C PHE D 27 17.73 -23.56 3.79
N THR D 28 17.87 -23.98 5.04
CA THR D 28 16.72 -24.04 5.93
C THR D 28 16.46 -22.70 6.60
N PHE D 29 15.63 -21.90 5.94
CA PHE D 29 15.24 -20.58 6.38
C PHE D 29 15.02 -20.46 7.89
N SER D 30 14.18 -21.34 8.43
CA SER D 30 13.86 -21.34 9.86
C SER D 30 15.02 -21.41 10.84
N ARG D 31 16.21 -21.77 10.37
CA ARG D 31 17.38 -21.86 11.26
C ARG D 31 18.19 -20.58 11.36
N TYR D 32 17.90 -19.59 10.51
CA TYR D 32 18.70 -18.38 10.53
C TYR D 32 18.01 -17.04 10.74
N GLY D 33 18.71 -16.14 11.42
CA GLY D 33 18.18 -14.82 11.65
C GLY D 33 18.33 -14.09 10.32
N MET D 34 17.37 -13.25 9.99
CA MET D 34 17.41 -12.51 8.73
C MET D 34 17.39 -11.01 9.00
N HIS D 35 18.13 -10.26 8.18
CA HIS D 35 18.21 -8.82 8.35
C HIS D 35 17.91 -8.06 7.08
N TRP D 36 17.57 -6.78 7.24
CA TRP D 36 17.35 -5.90 6.11
C TRP D 36 18.45 -4.87 6.31
N VAL D 37 19.22 -4.64 5.26
CA VAL D 37 20.31 -3.69 5.29
C VAL D 37 20.13 -2.84 4.04
N ARG D 38 20.23 -1.52 4.16
CA ARG D 38 20.04 -0.67 3.01
C ARG D 38 21.28 0.15 2.67
N GLN D 39 21.20 0.85 1.55
CA GLN D 39 22.29 1.69 1.08
C GLN D 39 21.72 2.89 0.34
N ALA D 40 21.72 4.05 0.99
CA ALA D 40 21.22 5.26 0.37
C ALA D 40 22.16 5.62 -0.77
N PRO D 41 21.68 6.40 -1.74
CA PRO D 41 22.53 6.79 -2.88
C PRO D 41 23.86 7.44 -2.47
N GLY D 42 24.95 6.89 -2.96
CA GLY D 42 26.27 7.42 -2.66
C GLY D 42 26.76 7.16 -1.24
N LYS D 43 26.04 6.34 -0.49
CA LYS D 43 26.43 6.02 0.88
C LYS D 43 26.94 4.60 1.07
N GLY D 44 27.28 4.28 2.31
CA GLY D 44 27.77 2.96 2.63
C GLY D 44 26.61 2.13 3.13
N LEU D 45 26.88 0.91 3.57
CA LEU D 45 25.83 0.04 4.07
C LEU D 45 25.36 0.49 5.45
N GLU D 46 24.06 0.35 5.68
CA GLU D 46 23.46 0.77 6.93
C GLU D 46 22.42 -0.26 7.38
N TRP D 47 22.67 -0.89 8.52
CA TRP D 47 21.77 -1.91 9.05
C TRP D 47 20.41 -1.28 9.36
N VAL D 48 19.34 -2.02 9.07
CA VAL D 48 17.98 -1.53 9.29
C VAL D 48 17.18 -2.27 10.35
N ALA D 49 17.17 -3.60 10.27
CA ALA D 49 16.43 -4.41 11.23
C ALA D 49 16.74 -5.90 11.12
N VAL D 50 16.33 -6.64 12.15
CA VAL D 50 16.54 -8.08 12.18
C VAL D 50 15.36 -8.79 12.84
N VAL D 51 15.14 -10.04 12.45
CA VAL D 51 14.08 -10.86 13.01
C VAL D 51 14.74 -12.21 13.29
N SER D 52 14.62 -12.68 14.53
CA SER D 52 15.22 -13.96 14.91
C SER D 52 14.67 -15.09 14.06
N SER D 53 15.40 -16.20 14.03
CA SER D 53 15.01 -17.37 13.26
C SER D 53 13.54 -17.78 13.45
N ASP D 54 13.07 -17.77 14.69
CA ASP D 54 11.69 -18.15 14.96
C ASP D 54 10.68 -17.01 14.76
N GLY D 55 11.19 -15.88 14.29
CA GLY D 55 10.34 -14.72 14.01
C GLY D 55 9.64 -14.06 15.18
N ARG D 56 10.03 -14.41 16.40
CA ARG D 56 9.40 -13.84 17.58
C ARG D 56 10.11 -12.62 18.16
N THR D 57 11.42 -12.52 17.99
CA THR D 57 12.11 -11.35 18.51
C THR D 57 12.74 -10.53 17.39
N THR D 58 12.41 -9.23 17.42
CA THR D 58 12.86 -8.26 16.42
C THR D 58 13.64 -7.11 17.05
N TYR D 59 14.37 -6.39 16.21
CA TYR D 59 15.15 -5.23 16.65
C TYR D 59 15.22 -4.26 15.48
N TYR D 60 15.16 -2.96 15.79
CA TYR D 60 15.16 -1.92 14.76
C TYR D 60 16.15 -0.79 14.96
N ALA D 61 16.61 -0.20 13.85
CA ALA D 61 17.51 0.94 13.90
C ALA D 61 16.59 2.06 14.36
N ASP D 62 17.12 3.02 15.13
CA ASP D 62 16.30 4.11 15.65
C ASP D 62 15.54 4.95 14.61
N SER D 63 16.09 5.10 13.41
CA SER D 63 15.47 5.89 12.37
C SER D 63 14.18 5.30 11.80
N VAL D 64 13.95 4.00 11.99
CA VAL D 64 12.77 3.35 11.43
C VAL D 64 11.70 2.80 12.38
N LYS D 65 11.97 2.71 13.68
CA LYS D 65 10.94 2.14 14.55
C LYS D 65 9.66 2.95 14.66
N GLY D 66 8.55 2.22 14.66
CA GLY D 66 7.23 2.82 14.73
C GLY D 66 6.71 3.01 13.32
N ARG D 67 7.61 2.87 12.35
CA ARG D 67 7.27 3.02 10.94
C ARG D 67 7.41 1.72 10.15
N PHE D 68 8.50 1.00 10.40
CA PHE D 68 8.75 -0.27 9.71
C PHE D 68 8.56 -1.42 10.69
N THR D 69 8.16 -2.58 10.17
CA THR D 69 8.03 -3.76 11.01
C THR D 69 8.53 -4.92 10.16
N ILE D 70 9.47 -5.66 10.72
CA ILE D 70 10.07 -6.80 10.04
C ILE D 70 9.42 -8.06 10.60
N SER D 71 9.15 -9.01 9.72
CA SER D 71 8.54 -10.26 10.12
C SER D 71 8.97 -11.34 9.15
N ARG D 72 8.52 -12.56 9.38
CA ARG D 72 8.88 -13.66 8.50
C ARG D 72 7.83 -14.76 8.55
N ASP D 73 7.85 -15.60 7.52
CA ASP D 73 6.93 -16.71 7.42
C ASP D 73 7.81 -17.90 7.04
N ASN D 74 8.24 -18.65 8.04
CA ASN D 74 9.11 -19.80 7.81
C ASN D 74 8.42 -20.88 6.98
N SER D 75 7.11 -20.73 6.80
CA SER D 75 6.33 -21.67 5.99
C SER D 75 6.63 -21.43 4.52
N LYS D 76 6.64 -20.15 4.16
CA LYS D 76 6.89 -19.73 2.78
C LYS D 76 8.33 -19.31 2.53
N ASN D 77 9.20 -19.53 3.51
CA ASN D 77 10.61 -19.15 3.39
C ASN D 77 10.73 -17.74 2.86
N THR D 78 10.02 -16.82 3.51
CA THR D 78 10.04 -15.44 3.08
C THR D 78 10.16 -14.46 4.25
N LEU D 79 10.98 -13.44 4.05
CA LEU D 79 11.23 -12.40 5.03
C LEU D 79 10.51 -11.15 4.52
N TYR D 80 9.94 -10.37 5.43
CA TYR D 80 9.22 -9.17 5.02
C TYR D 80 9.66 -7.88 5.69
N LEU D 81 9.26 -6.78 5.08
CA LEU D 81 9.53 -5.46 5.61
C LEU D 81 8.37 -4.56 5.22
N GLN D 82 7.50 -4.32 6.18
CA GLN D 82 6.34 -3.47 6.00
C GLN D 82 6.83 -2.05 6.25
N MET D 83 6.84 -1.22 5.22
CA MET D 83 7.34 0.15 5.36
C MET D 83 6.23 1.19 5.31
N ASN D 84 5.89 1.75 6.47
CA ASN D 84 4.86 2.77 6.54
C ASN D 84 5.42 4.15 6.84
N SER D 85 4.67 5.17 6.42
CA SER D 85 5.06 6.56 6.62
C SER D 85 6.48 6.80 6.11
N LEU D 86 6.65 6.61 4.80
CA LEU D 86 7.95 6.78 4.16
C LEU D 86 8.28 8.25 3.92
N ARG D 87 9.55 8.59 4.10
CA ARG D 87 10.04 9.96 3.90
C ARG D 87 11.09 9.92 2.80
N ALA D 88 11.43 11.09 2.29
CA ALA D 88 12.44 11.20 1.24
C ALA D 88 13.74 10.54 1.68
N GLU D 89 14.10 10.70 2.94
CA GLU D 89 15.33 10.12 3.46
C GLU D 89 15.39 8.59 3.45
N ASP D 90 14.25 7.94 3.27
CA ASP D 90 14.24 6.48 3.25
C ASP D 90 14.72 5.93 1.91
N THR D 91 14.65 6.70 0.84
CA THR D 91 15.07 6.17 -0.45
C THR D 91 16.48 5.60 -0.44
N ALA D 92 16.55 4.32 -0.79
CA ALA D 92 17.80 3.60 -0.82
C ALA D 92 17.54 2.25 -1.46
N VAL D 93 18.60 1.47 -1.62
CA VAL D 93 18.48 0.13 -2.16
C VAL D 93 18.38 -0.69 -0.88
N PHE D 94 17.38 -1.56 -0.79
CA PHE D 94 17.22 -2.38 0.41
C PHE D 94 17.62 -3.82 0.12
N TYR D 95 18.56 -4.33 0.91
CA TYR D 95 19.05 -5.69 0.78
C TYR D 95 18.62 -6.55 1.94
N CYS D 96 18.29 -7.80 1.67
CA CYS D 96 17.98 -8.71 2.77
C CYS D 96 19.29 -9.46 2.89
N ALA D 97 19.63 -9.86 4.10
CA ALA D 97 20.88 -10.57 4.32
C ALA D 97 20.69 -11.71 5.30
N LYS D 98 21.37 -12.81 5.03
CA LYS D 98 21.28 -14.01 5.85
C LYS D 98 22.46 -14.12 6.83
N GLU D 99 22.14 -14.46 8.08
CA GLU D 99 23.17 -14.62 9.09
C GLU D 99 24.02 -15.84 8.72
N GLY D 100 25.34 -15.65 8.71
CA GLY D 100 26.27 -16.70 8.35
C GLY D 100 26.12 -18.05 9.05
N GLY D 101 26.39 -19.11 8.31
CA GLY D 101 26.30 -20.45 8.86
C GLY D 101 27.54 -20.79 9.66
N ASP D 102 28.70 -20.31 9.21
CA ASP D 102 29.95 -20.55 9.90
C ASP D 102 30.12 -19.55 11.05
N ASN D 103 29.79 -18.29 10.81
CA ASN D 103 29.85 -17.26 11.84
C ASN D 103 28.59 -16.40 11.74
N LYS D 104 27.76 -16.52 12.78
CA LYS D 104 26.48 -15.85 12.90
C LYS D 104 26.50 -14.31 12.94
N PHE D 105 27.66 -13.72 13.19
CA PHE D 105 27.76 -12.27 13.27
C PHE D 105 28.21 -11.65 11.95
N SER D 106 28.19 -12.46 10.90
CA SER D 106 28.56 -12.01 9.56
C SER D 106 27.36 -12.31 8.67
N PHE D 107 27.41 -11.83 7.43
CA PHE D 107 26.33 -12.05 6.47
C PHE D 107 26.89 -12.78 5.27
N ASP D 108 26.56 -14.07 5.13
CA ASP D 108 27.08 -14.85 4.01
C ASP D 108 26.32 -14.77 2.69
N TYR D 109 25.06 -14.38 2.73
CA TYR D 109 24.28 -14.26 1.50
C TYR D 109 23.40 -13.02 1.49
N TRP D 110 23.43 -12.34 0.36
CA TRP D 110 22.68 -11.11 0.18
C TRP D 110 21.70 -11.16 -0.97
N GLY D 111 20.58 -10.44 -0.82
CA GLY D 111 19.60 -10.40 -1.88
C GLY D 111 20.20 -9.55 -2.98
N GLN D 112 19.56 -9.51 -4.14
CA GLN D 112 20.08 -8.71 -5.25
C GLN D 112 19.78 -7.24 -5.02
N GLY D 113 18.87 -6.98 -4.09
CA GLY D 113 18.50 -5.62 -3.79
C GLY D 113 17.23 -5.17 -4.49
N THR D 114 16.46 -4.33 -3.81
CA THR D 114 15.22 -3.80 -4.36
C THR D 114 15.23 -2.31 -4.01
N LEU D 115 15.00 -1.48 -5.02
CA LEU D 115 15.04 -0.02 -4.88
C LEU D 115 13.78 0.60 -4.27
N VAL D 116 13.98 1.44 -3.26
CA VAL D 116 12.87 2.14 -2.63
C VAL D 116 13.08 3.63 -2.88
N THR D 117 12.21 4.22 -3.67
CA THR D 117 12.30 5.64 -3.99
C THR D 117 11.10 6.36 -3.41
N VAL D 118 11.37 7.35 -2.56
CA VAL D 118 10.31 8.12 -1.93
C VAL D 118 10.42 9.57 -2.38
N SER D 119 9.49 9.98 -3.22
CA SER D 119 9.47 11.35 -3.75
C SER D 119 8.05 11.81 -4.03
N SER D 120 7.83 13.11 -3.99
CA SER D 120 6.51 13.67 -4.26
C SER D 120 6.40 14.08 -5.72
N ALA D 121 7.51 13.97 -6.45
CA ALA D 121 7.52 14.32 -7.87
C ALA D 121 6.84 13.21 -8.65
N SER D 122 6.31 13.53 -9.82
CA SER D 122 5.65 12.53 -10.63
C SER D 122 6.45 12.21 -11.89
N THR D 123 6.12 11.07 -12.50
CA THR D 123 6.79 10.60 -13.70
C THR D 123 6.83 11.65 -14.79
N LYS D 124 8.01 11.85 -15.38
CA LYS D 124 8.18 12.85 -16.43
C LYS D 124 9.35 12.50 -17.34
N GLY D 125 9.17 12.71 -18.64
CA GLY D 125 10.21 12.45 -19.61
C GLY D 125 11.19 13.61 -19.61
N PRO D 126 12.44 13.36 -20.03
CA PRO D 126 13.47 14.41 -20.06
C PRO D 126 13.42 15.31 -21.30
N SER D 127 14.01 16.49 -21.16
CA SER D 127 14.12 17.41 -22.28
C SER D 127 15.57 17.15 -22.63
N VAL D 128 15.90 17.17 -23.92
CA VAL D 128 17.27 16.92 -24.34
C VAL D 128 17.86 18.12 -25.05
N PHE D 129 18.86 18.73 -24.44
CA PHE D 129 19.50 19.91 -25.01
C PHE D 129 20.93 19.61 -25.45
N PRO D 130 21.38 20.30 -26.51
CA PRO D 130 22.73 20.07 -27.00
C PRO D 130 23.79 20.82 -26.21
N LEU D 131 24.97 20.23 -26.13
CA LEU D 131 26.10 20.84 -25.46
C LEU D 131 27.11 20.97 -26.59
N ALA D 132 27.14 22.16 -27.19
CA ALA D 132 28.02 22.45 -28.31
C ALA D 132 29.18 23.32 -27.87
N THR D 142 41.84 19.04 -28.64
CA THR D 142 40.62 18.26 -28.67
C THR D 142 39.37 19.14 -28.57
N ALA D 143 38.23 18.58 -28.95
CA ALA D 143 36.96 19.30 -28.90
C ALA D 143 35.95 18.42 -28.18
N ALA D 144 34.99 19.06 -27.51
CA ALA D 144 33.99 18.32 -26.77
C ALA D 144 32.57 18.77 -27.09
N LEU D 145 31.63 17.84 -26.94
CA LEU D 145 30.22 18.12 -27.19
C LEU D 145 29.42 17.05 -26.45
N GLY D 146 28.12 17.26 -26.33
CA GLY D 146 27.29 16.28 -25.65
C GLY D 146 25.84 16.70 -25.55
N CYS D 147 25.10 16.02 -24.68
CA CYS D 147 23.69 16.32 -24.48
C CYS D 147 23.38 16.43 -23.00
N LEU D 148 22.47 17.33 -22.68
CA LEU D 148 22.04 17.54 -21.31
C LEU D 148 20.66 16.89 -21.27
N VAL D 149 20.55 15.78 -20.55
CA VAL D 149 19.28 15.07 -20.41
C VAL D 149 18.64 15.61 -19.14
N LYS D 150 17.91 16.71 -19.27
CA LYS D 150 17.31 17.37 -18.13
C LYS D 150 15.86 17.11 -17.76
N ASP D 151 15.60 17.30 -16.46
CA ASP D 151 14.29 17.14 -15.84
C ASP D 151 13.46 15.89 -16.07
N TYR D 152 13.96 14.76 -15.59
CA TYR D 152 13.22 13.51 -15.72
C TYR D 152 13.02 12.87 -14.35
N PHE D 153 12.05 11.97 -14.27
CA PHE D 153 11.75 11.26 -13.04
C PHE D 153 10.91 10.03 -13.38
N PRO D 154 11.29 8.86 -12.83
CA PRO D 154 12.45 8.70 -11.97
C PRO D 154 13.61 8.09 -12.75
N GLU D 155 14.60 7.57 -12.03
CA GLU D 155 15.73 6.93 -12.67
C GLU D 155 15.14 5.66 -13.27
N PRO D 156 15.77 5.11 -14.32
CA PRO D 156 17.00 5.60 -14.96
C PRO D 156 16.73 6.02 -16.39
N VAL D 157 17.78 6.52 -17.05
CA VAL D 157 17.71 6.91 -18.46
C VAL D 157 18.99 6.32 -19.02
N THR D 158 18.95 5.89 -20.27
CA THR D 158 20.14 5.34 -20.90
C THR D 158 20.51 6.29 -22.02
N VAL D 159 21.80 6.40 -22.28
CA VAL D 159 22.30 7.26 -23.35
C VAL D 159 23.37 6.50 -24.10
N SER D 160 23.29 6.55 -25.42
CA SER D 160 24.29 5.92 -26.25
C SER D 160 24.51 6.94 -27.36
N TRP D 161 25.62 6.83 -28.06
CA TRP D 161 25.92 7.77 -29.14
C TRP D 161 25.96 7.05 -30.47
N ASN D 162 25.39 7.67 -31.49
CA ASN D 162 25.33 7.09 -32.84
C ASN D 162 24.87 5.64 -32.77
N SER D 163 23.71 5.44 -32.15
CA SER D 163 23.10 4.11 -31.98
C SER D 163 24.04 3.01 -31.48
N GLY D 164 24.89 3.35 -30.52
CA GLY D 164 25.81 2.38 -29.96
C GLY D 164 27.10 2.17 -30.73
N ALA D 165 27.26 2.89 -31.84
CA ALA D 165 28.46 2.77 -32.67
C ALA D 165 29.64 3.63 -32.24
N LEU D 166 29.39 4.72 -31.52
CA LEU D 166 30.47 5.57 -31.03
C LEU D 166 30.55 5.31 -29.54
N THR D 167 31.71 4.83 -29.11
CA THR D 167 31.89 4.47 -27.72
C THR D 167 33.17 5.05 -27.11
N SER D 168 34.10 5.48 -27.96
CA SER D 168 35.37 6.05 -27.52
C SER D 168 35.30 7.53 -27.17
N GLY D 169 35.77 7.88 -25.98
CA GLY D 169 35.77 9.27 -25.55
C GLY D 169 34.44 9.72 -25.00
N VAL D 170 33.54 8.77 -24.77
CA VAL D 170 32.22 9.06 -24.24
C VAL D 170 32.20 8.97 -22.72
N HIS D 171 31.58 9.95 -22.08
CA HIS D 171 31.45 9.96 -20.63
C HIS D 171 30.01 10.32 -20.29
N THR D 172 29.31 9.35 -19.72
CA THR D 172 27.93 9.55 -19.32
C THR D 172 28.01 9.63 -17.80
N PHE D 173 27.85 10.84 -17.28
CA PHE D 173 27.94 11.10 -15.85
C PHE D 173 26.77 10.59 -15.03
N PRO D 174 27.01 10.32 -13.73
CA PRO D 174 25.94 9.85 -12.86
C PRO D 174 24.85 10.90 -12.87
N ALA D 175 23.60 10.47 -12.70
CA ALA D 175 22.49 11.41 -12.68
C ALA D 175 22.58 12.20 -11.38
N VAL D 176 21.99 13.40 -11.37
CA VAL D 176 22.00 14.21 -10.16
C VAL D 176 20.57 14.62 -9.84
N LEU D 177 20.22 14.60 -8.56
CA LEU D 177 18.88 14.97 -8.14
C LEU D 177 18.80 16.45 -7.80
N GLN D 178 18.09 17.21 -8.62
CA GLN D 178 17.93 18.65 -8.42
C GLN D 178 16.90 18.94 -7.33
N SER D 179 16.85 20.20 -6.90
CA SER D 179 15.93 20.63 -5.85
C SER D 179 14.45 20.48 -6.21
N SER D 180 14.16 20.39 -7.50
CA SER D 180 12.79 20.23 -7.95
C SER D 180 12.32 18.79 -7.74
N GLY D 181 13.27 17.92 -7.43
CA GLY D 181 12.94 16.52 -7.21
C GLY D 181 13.13 15.72 -8.49
N LEU D 182 13.50 16.41 -9.55
CA LEU D 182 13.72 15.76 -10.85
C LEU D 182 15.21 15.56 -11.08
N TYR D 183 15.54 14.53 -11.83
CA TYR D 183 16.92 14.20 -12.14
C TYR D 183 17.42 14.88 -13.41
N SER D 184 18.74 14.92 -13.55
CA SER D 184 19.40 15.53 -14.69
C SER D 184 20.74 14.86 -14.87
N LEU D 185 21.15 14.61 -16.11
CA LEU D 185 22.44 14.01 -16.33
C LEU D 185 23.03 14.45 -17.66
N SER D 186 24.35 14.44 -17.71
CA SER D 186 25.08 14.86 -18.91
C SER D 186 25.82 13.70 -19.54
N SER D 187 25.94 13.76 -20.86
CA SER D 187 26.66 12.76 -21.61
C SER D 187 27.47 13.55 -22.62
N VAL D 188 28.79 13.35 -22.61
CA VAL D 188 29.66 14.07 -23.54
C VAL D 188 30.60 13.12 -24.25
N VAL D 189 31.18 13.62 -25.33
CA VAL D 189 32.14 12.85 -26.10
C VAL D 189 33.15 13.84 -26.66
N THR D 190 34.41 13.50 -26.56
CA THR D 190 35.48 14.35 -27.07
C THR D 190 36.00 13.73 -28.35
N VAL D 191 36.23 14.56 -29.36
CA VAL D 191 36.74 14.07 -30.63
C VAL D 191 38.01 14.85 -30.94
N PRO D 192 39.11 14.14 -31.21
CA PRO D 192 40.39 14.80 -31.53
C PRO D 192 40.47 15.31 -32.96
N GLN D 199 31.61 14.20 -39.86
CA GLN D 199 30.82 13.18 -39.17
C GLN D 199 29.71 13.80 -38.32
N THR D 200 28.67 13.02 -38.08
CA THR D 200 27.52 13.44 -37.30
C THR D 200 27.48 12.81 -35.92
N TYR D 201 27.01 13.57 -34.94
CA TYR D 201 26.91 13.11 -33.56
C TYR D 201 25.48 13.18 -33.06
N THR D 202 24.96 12.02 -32.67
CA THR D 202 23.58 11.88 -32.22
C THR D 202 23.46 11.19 -30.86
N CYS D 203 22.69 11.77 -29.95
CA CYS D 203 22.47 11.18 -28.63
C CYS D 203 21.21 10.36 -28.65
N ASN D 204 21.30 9.09 -28.28
CA ASN D 204 20.13 8.25 -28.24
C ASN D 204 19.75 8.19 -26.78
N VAL D 205 18.65 8.84 -26.45
CA VAL D 205 18.16 8.91 -25.08
C VAL D 205 16.89 8.11 -24.89
N ASP D 206 16.89 7.21 -23.90
CA ASP D 206 15.73 6.39 -23.61
C ASP D 206 15.38 6.48 -22.13
N HIS D 207 14.08 6.67 -21.85
CA HIS D 207 13.58 6.76 -20.49
C HIS D 207 12.23 6.06 -20.44
N LYS D 208 12.27 4.77 -20.08
CA LYS D 208 11.10 3.90 -20.01
C LYS D 208 9.93 4.31 -19.12
N PRO D 209 10.20 4.63 -17.84
CA PRO D 209 9.07 5.01 -16.99
C PRO D 209 8.07 6.01 -17.59
N SER D 210 8.46 6.67 -18.68
CA SER D 210 7.56 7.62 -19.34
C SER D 210 7.41 7.29 -20.82
N ASN D 211 8.12 6.26 -21.27
CA ASN D 211 8.07 5.84 -22.67
C ASN D 211 8.56 6.96 -23.59
N THR D 212 9.58 7.69 -23.12
CA THR D 212 10.14 8.80 -23.88
C THR D 212 11.41 8.37 -24.59
N LYS D 213 11.52 8.70 -25.87
CA LYS D 213 12.68 8.33 -26.64
C LYS D 213 13.02 9.44 -27.62
N VAL D 214 14.28 9.87 -27.61
CA VAL D 214 14.72 10.95 -28.47
C VAL D 214 16.13 10.73 -29.01
N ASP D 215 16.30 10.97 -30.31
CA ASP D 215 17.60 10.86 -30.95
C ASP D 215 17.94 12.29 -31.32
N LYS D 216 18.86 12.90 -30.57
CA LYS D 216 19.24 14.28 -30.84
C LYS D 216 20.61 14.41 -31.50
N THR D 217 20.61 15.04 -32.66
CA THR D 217 21.85 15.27 -33.40
C THR D 217 22.37 16.64 -32.96
N VAL D 218 23.60 16.67 -32.46
CA VAL D 218 24.21 17.90 -31.96
C VAL D 218 25.01 18.67 -33.01
#